data_4I21
#
_entry.id   4I21
#
_cell.length_a   38.666
_cell.length_b   66.050
_cell.length_c   94.518
_cell.angle_alpha   71.85
_cell.angle_beta   87.38
_cell.angle_gamma   74.26
#
_symmetry.space_group_name_H-M   'P 1'
#
loop_
_entity.id
_entity.type
_entity.pdbx_description
1 polymer 'Epidermal growth factor receptor'
2 polymer 'ERBB receptor feedback inhibitor 1'
#
loop_
_entity_poly.entity_id
_entity_poly.type
_entity_poly.pdbx_seq_one_letter_code
_entity_poly.pdbx_strand_id
1 'polypeptide(L)'
;GSGEAPNQALLRILKETEFKKIKVLGSGAFGTVYKGLWIPEGEKVKIPVAIKELREATSPKANKEILDEAYVMASVDNPH
VCRLLGICLTSTVQLIMQLMPFGCLLDYVREHKDNIGSQYLLNWCVQIAKGMNYLEDRRLVHRDLAARNVLVKTPQHVKI
TDFGRAKLLGAEEKEYHAEGGKVPIKWMALESILHRIYTHQSDVWSYGVTVWELMTFGSKPYDGIPASEISSILEKGERL
PQPPICTIDVYMIMVKCWMIDADSRPKFRELIIEFSKMARDPQRYLVIQGDERMHLPSPTDSNFYRALMDEEDMDDVVDA
DEYLIPQQG
;
A,B
2 'polypeptide(L)' GSRPPKVPPREPLSPSNSRTPSPKSLPSYLNGVMPPTQSFAPDPKYVSSKALQRQNSEGSAS C,D
#
# COMPACT_ATOMS: atom_id res chain seq x y z
N LEU A 10 -13.03 -29.16 1.70
CA LEU A 10 -12.49 -28.16 0.73
C LEU A 10 -11.65 -27.09 1.42
N LEU A 11 -11.77 -27.02 2.75
CA LEU A 11 -11.15 -25.96 3.53
C LEU A 11 -9.64 -26.15 3.68
N ARG A 12 -8.87 -25.35 2.94
CA ARG A 12 -7.42 -25.45 3.04
C ARG A 12 -6.93 -24.89 4.37
N ILE A 13 -6.29 -25.75 5.15
CA ILE A 13 -5.67 -25.32 6.40
C ILE A 13 -4.19 -25.06 6.14
N LEU A 14 -3.74 -23.84 6.41
CA LEU A 14 -2.49 -23.37 5.82
C LEU A 14 -1.33 -23.20 6.79
N LYS A 15 -0.13 -23.37 6.26
CA LYS A 15 1.11 -23.24 7.02
C LYS A 15 1.56 -21.79 7.01
N GLU A 16 1.75 -21.25 8.20
CA GLU A 16 2.16 -19.86 8.37
C GLU A 16 3.26 -19.45 7.40
N THR A 17 3.91 -20.44 6.79
CA THR A 17 5.02 -20.21 5.88
C THR A 17 4.69 -20.53 4.42
N GLU A 18 3.41 -20.49 4.08
CA GLU A 18 2.99 -20.60 2.68
C GLU A 18 2.66 -19.22 2.12
N PHE A 19 2.23 -18.32 2.98
CA PHE A 19 1.91 -16.96 2.56
C PHE A 19 2.74 -15.95 3.32
N LYS A 20 3.17 -14.90 2.62
CA LYS A 20 3.90 -13.80 3.25
C LYS A 20 3.03 -12.56 3.19
N LYS A 21 2.64 -12.03 4.35
CA LYS A 21 1.80 -10.84 4.36
C LYS A 21 2.63 -9.59 4.15
N ILE A 22 2.52 -9.03 2.95
CA ILE A 22 3.38 -7.94 2.50
C ILE A 22 3.05 -6.64 3.22
N LYS A 23 2.03 -5.92 2.75
CA LYS A 23 1.63 -4.66 3.38
C LYS A 23 0.28 -4.75 4.09
N VAL A 24 0.07 -3.84 5.05
CA VAL A 24 -1.24 -3.68 5.67
C VAL A 24 -2.12 -2.87 4.73
N LEU A 25 -3.33 -3.37 4.50
CA LEU A 25 -4.16 -2.85 3.42
C LEU A 25 -5.39 -2.15 3.98
N GLY A 26 -5.27 -1.64 5.20
CA GLY A 26 -6.43 -1.18 5.93
C GLY A 26 -6.67 -2.12 7.09
N SER A 27 -7.22 -1.60 8.19
CA SER A 27 -7.34 -2.40 9.39
C SER A 27 -8.31 -1.78 10.37
N GLY A 28 -9.34 -2.54 10.75
CA GLY A 28 -10.25 -2.10 11.79
C GLY A 28 -9.78 -2.51 13.17
N ALA A 29 -10.67 -2.42 14.15
CA ALA A 29 -10.35 -2.86 15.49
C ALA A 29 -11.09 -4.16 15.75
N PHE A 30 -11.88 -4.58 14.77
CA PHE A 30 -12.42 -5.93 14.76
C PHE A 30 -11.37 -6.87 14.15
N GLY A 31 -10.68 -6.39 13.12
CA GLY A 31 -9.68 -7.21 12.48
C GLY A 31 -8.58 -6.39 11.85
N THR A 32 -7.84 -7.00 10.94
CA THR A 32 -6.82 -6.30 10.16
C THR A 32 -6.49 -7.08 8.90
N VAL A 33 -6.54 -6.40 7.77
CA VAL A 33 -6.40 -7.06 6.48
C VAL A 33 -5.06 -6.73 5.83
N TYR A 34 -4.22 -7.73 5.66
CA TYR A 34 -2.95 -7.55 4.96
C TYR A 34 -3.09 -8.01 3.52
N LYS A 35 -2.22 -7.50 2.67
CA LYS A 35 -1.96 -8.09 1.36
C LYS A 35 -0.49 -8.41 1.29
N GLY A 36 -0.14 -9.65 0.95
CA GLY A 36 -1.15 -10.66 0.73
C GLY A 36 -0.76 -11.60 -0.38
N LEU A 37 0.37 -12.30 -0.24
CA LEU A 37 0.78 -13.27 -1.25
C LEU A 37 0.99 -14.67 -0.70
N TRP A 38 0.45 -15.65 -1.41
CA TRP A 38 0.40 -17.03 -0.98
C TRP A 38 0.92 -17.93 -2.07
N ILE A 39 1.73 -18.91 -1.68
CA ILE A 39 2.19 -19.94 -2.60
C ILE A 39 2.08 -21.31 -1.94
N PRO A 40 1.24 -22.20 -2.48
CA PRO A 40 1.06 -23.52 -1.89
C PRO A 40 2.38 -24.28 -1.75
N GLU A 41 2.32 -25.48 -1.18
CA GLU A 41 3.52 -26.20 -0.74
C GLU A 41 4.66 -26.23 -1.77
N GLY A 42 5.50 -25.20 -1.74
CA GLY A 42 6.57 -25.09 -2.72
C GLY A 42 6.06 -25.07 -4.14
N GLU A 43 4.75 -25.33 -4.29
CA GLU A 43 4.11 -25.44 -5.60
C GLU A 43 4.36 -24.20 -6.44
N LYS A 44 5.17 -24.35 -7.48
CA LYS A 44 5.31 -23.34 -8.50
C LYS A 44 5.38 -21.92 -7.93
N VAL A 45 4.52 -21.04 -8.42
CA VAL A 45 4.58 -19.61 -8.11
C VAL A 45 3.33 -19.08 -7.39
N LYS A 46 3.17 -17.76 -7.44
CA LYS A 46 2.36 -17.02 -6.47
C LYS A 46 0.94 -16.69 -6.93
N ILE A 47 0.01 -16.73 -5.99
CA ILE A 47 -1.34 -16.19 -6.20
C ILE A 47 -1.66 -15.17 -5.10
N PRO A 48 -1.79 -13.89 -5.48
CA PRO A 48 -2.00 -12.83 -4.49
C PRO A 48 -3.32 -12.98 -3.73
N VAL A 49 -3.22 -13.09 -2.41
CA VAL A 49 -4.39 -13.32 -1.57
C VAL A 49 -4.56 -12.16 -0.59
N ALA A 50 -5.75 -12.06 -0.01
CA ALA A 50 -5.96 -11.15 1.11
C ALA A 50 -5.95 -11.94 2.42
N ILE A 51 -5.15 -11.48 3.37
CA ILE A 51 -5.09 -12.13 4.68
C ILE A 51 -5.91 -11.36 5.68
N LYS A 52 -7.09 -11.87 6.02
CA LYS A 52 -7.84 -11.30 7.12
C LYS A 52 -7.44 -12.02 8.40
N GLU A 53 -6.98 -11.26 9.38
CA GLU A 53 -6.68 -11.79 10.69
C GLU A 53 -7.62 -11.16 11.69
N LEU A 54 -8.40 -11.98 12.37
CA LEU A 54 -9.32 -11.45 13.38
C LEU A 54 -8.60 -11.21 14.69
N ARG A 55 -9.25 -10.45 15.58
CA ARG A 55 -8.56 -9.78 16.67
C ARG A 55 -8.97 -10.25 18.06
N GLU A 56 -10.21 -10.01 18.45
CA GLU A 56 -10.59 -10.14 19.86
C GLU A 56 -10.66 -11.60 20.31
N ALA A 57 -10.10 -11.87 21.49
CA ALA A 57 -9.78 -13.23 21.95
C ALA A 57 -10.94 -14.21 21.81
N THR A 58 -10.85 -15.04 20.76
CA THR A 58 -11.95 -15.91 20.37
C THR A 58 -12.07 -17.10 21.33
N SER A 59 -13.24 -17.22 21.96
CA SER A 59 -13.50 -18.33 22.87
C SER A 59 -13.55 -19.67 22.13
N PRO A 60 -13.64 -20.78 22.88
CA PRO A 60 -13.76 -22.11 22.27
C PRO A 60 -15.04 -22.28 21.47
N LYS A 61 -16.11 -21.65 21.93
CA LYS A 61 -17.38 -21.65 21.19
C LYS A 61 -17.33 -20.72 19.98
N ALA A 62 -16.69 -19.57 20.16
CA ALA A 62 -16.51 -18.63 19.07
C ALA A 62 -15.83 -19.31 17.88
N ASN A 63 -14.78 -20.06 18.18
CA ASN A 63 -13.95 -20.64 17.12
C ASN A 63 -14.66 -21.75 16.35
N LYS A 64 -15.35 -22.62 17.08
CA LYS A 64 -16.17 -23.62 16.44
C LYS A 64 -16.99 -22.90 15.36
N GLU A 65 -17.58 -21.77 15.74
CA GLU A 65 -18.46 -21.01 14.86
C GLU A 65 -17.74 -20.45 13.64
N ILE A 66 -16.64 -19.74 13.84
CA ILE A 66 -15.84 -19.23 12.73
C ILE A 66 -15.43 -20.38 11.82
N LEU A 67 -15.25 -21.54 12.44
CA LEU A 67 -14.83 -22.76 11.75
C LEU A 67 -15.92 -23.20 10.79
N ASP A 68 -17.04 -23.61 11.38
CA ASP A 68 -18.21 -24.09 10.65
C ASP A 68 -18.55 -23.27 9.43
N GLU A 69 -18.56 -21.96 9.59
CA GLU A 69 -18.86 -21.05 8.50
C GLU A 69 -17.78 -21.06 7.41
N ALA A 70 -16.55 -21.24 7.82
CA ALA A 70 -15.44 -21.24 6.86
C ALA A 70 -15.45 -22.55 6.09
N TYR A 71 -15.97 -23.59 6.72
CA TYR A 71 -16.16 -24.84 6.01
C TYR A 71 -17.12 -24.60 4.86
N VAL A 72 -18.11 -23.74 5.10
CA VAL A 72 -19.10 -23.37 4.08
C VAL A 72 -18.49 -22.33 3.15
N MET A 73 -17.92 -21.27 3.72
CA MET A 73 -17.34 -20.21 2.92
C MET A 73 -16.26 -20.71 1.98
N ALA A 74 -15.63 -21.83 2.34
CA ALA A 74 -14.54 -22.38 1.55
C ALA A 74 -15.05 -23.24 0.41
N SER A 75 -16.37 -23.35 0.31
CA SER A 75 -16.99 -24.24 -0.68
C SER A 75 -18.08 -23.56 -1.51
N VAL A 76 -18.06 -22.24 -1.61
CA VAL A 76 -19.09 -21.53 -2.37
C VAL A 76 -18.83 -21.60 -3.88
N ASP A 77 -19.91 -21.83 -4.62
CA ASP A 77 -19.84 -21.92 -6.07
C ASP A 77 -20.35 -20.66 -6.78
N ASN A 78 -21.26 -19.94 -6.12
CA ASN A 78 -21.79 -18.68 -6.67
C ASN A 78 -20.67 -17.69 -6.98
N PRO A 79 -20.84 -16.90 -8.06
CA PRO A 79 -19.94 -15.84 -8.56
C PRO A 79 -19.95 -14.53 -7.75
N HIS A 80 -21.00 -14.34 -6.95
CA HIS A 80 -21.21 -13.07 -6.26
C HIS A 80 -20.97 -13.19 -4.78
N VAL A 81 -20.51 -14.36 -4.34
CA VAL A 81 -19.95 -14.50 -3.02
C VAL A 81 -18.49 -14.81 -3.11
N CYS A 82 -17.71 -14.16 -2.27
CA CYS A 82 -16.28 -14.32 -2.28
C CYS A 82 -15.91 -15.62 -1.56
N ARG A 83 -15.33 -16.55 -2.30
CA ARG A 83 -14.99 -17.86 -1.75
C ARG A 83 -13.74 -17.81 -0.90
N LEU A 84 -13.74 -18.58 0.17
CA LEU A 84 -12.56 -18.69 1.01
C LEU A 84 -11.51 -19.54 0.29
N LEU A 85 -10.26 -19.15 0.41
CA LEU A 85 -9.16 -19.96 -0.05
C LEU A 85 -8.74 -20.87 1.08
N GLY A 86 -8.12 -20.31 2.11
CA GLY A 86 -7.61 -21.14 3.18
C GLY A 86 -7.57 -20.44 4.52
N ILE A 87 -7.68 -21.20 5.59
CA ILE A 87 -7.74 -20.61 6.91
C ILE A 87 -6.43 -20.94 7.57
N CYS A 88 -6.02 -20.16 8.55
CA CYS A 88 -4.70 -20.36 9.15
C CYS A 88 -4.64 -20.17 10.67
N LEU A 89 -5.14 -21.16 11.39
CA LEU A 89 -5.19 -21.08 12.85
C LEU A 89 -3.82 -21.29 13.48
N THR A 90 -3.51 -20.42 14.44
CA THR A 90 -2.41 -20.65 15.37
C THR A 90 -2.88 -20.10 16.71
N SER A 91 -2.37 -18.93 17.07
CA SER A 91 -2.89 -18.15 18.20
C SER A 91 -3.90 -17.10 17.68
N THR A 92 -4.01 -17.01 16.36
CA THR A 92 -4.83 -16.02 15.70
C THR A 92 -5.49 -16.70 14.49
N VAL A 93 -6.64 -16.19 14.05
CA VAL A 93 -7.26 -16.75 12.85
C VAL A 93 -6.75 -16.03 11.61
N GLN A 94 -6.86 -16.66 10.45
CA GLN A 94 -6.43 -15.99 9.23
C GLN A 94 -7.23 -16.56 8.07
N LEU A 95 -8.07 -15.73 7.45
CA LEU A 95 -8.76 -16.13 6.24
C LEU A 95 -7.99 -15.71 5.01
N ILE A 96 -7.86 -16.62 4.06
CA ILE A 96 -7.11 -16.33 2.86
C ILE A 96 -8.12 -16.12 1.75
N MET A 97 -8.07 -14.94 1.14
CA MET A 97 -9.06 -14.55 0.17
C MET A 97 -8.41 -14.23 -1.15
N GLN A 98 -9.05 -14.66 -2.23
CA GLN A 98 -8.70 -14.15 -3.54
C GLN A 98 -8.65 -12.62 -3.44
N LEU A 99 -7.53 -12.02 -3.81
CA LEU A 99 -7.39 -10.59 -3.60
C LEU A 99 -8.28 -9.82 -4.55
N MET A 100 -8.99 -8.82 -4.02
CA MET A 100 -9.79 -7.94 -4.86
C MET A 100 -9.18 -6.56 -4.92
N PRO A 101 -8.66 -6.18 -6.08
CA PRO A 101 -7.88 -4.95 -6.29
C PRO A 101 -8.68 -3.64 -6.26
N PHE A 102 -9.82 -3.59 -6.97
CA PHE A 102 -10.67 -2.40 -6.96
C PHE A 102 -11.27 -2.17 -5.57
N GLY A 103 -11.74 -3.24 -4.96
CA GLY A 103 -11.88 -3.26 -3.51
C GLY A 103 -13.23 -2.86 -2.94
N CYS A 104 -13.18 -2.35 -1.72
CA CYS A 104 -14.35 -1.96 -0.95
C CYS A 104 -15.29 -1.11 -1.80
N LEU A 105 -16.47 -1.65 -2.09
CA LEU A 105 -17.43 -0.99 -3.00
C LEU A 105 -17.95 0.36 -2.51
N LEU A 106 -18.23 0.43 -1.21
CA LEU A 106 -18.62 1.68 -0.58
C LEU A 106 -17.68 2.76 -1.03
N ASP A 107 -16.39 2.49 -0.99
CA ASP A 107 -15.41 3.51 -1.29
C ASP A 107 -15.24 3.68 -2.78
N TYR A 108 -15.86 2.81 -3.57
CA TYR A 108 -15.85 2.96 -5.01
C TYR A 108 -16.84 4.02 -5.46
N VAL A 109 -18.12 3.80 -5.18
CA VAL A 109 -19.15 4.74 -5.61
C VAL A 109 -18.90 6.12 -5.04
N ARG A 110 -18.21 6.19 -3.91
CA ARG A 110 -18.01 7.48 -3.27
C ARG A 110 -17.17 8.40 -4.12
N GLU A 111 -16.31 7.83 -4.94
CA GLU A 111 -15.41 8.65 -5.75
C GLU A 111 -15.42 8.32 -7.24
N HIS A 112 -16.36 7.48 -7.66
CA HIS A 112 -16.69 7.36 -9.07
C HIS A 112 -18.11 7.85 -9.24
N LYS A 113 -18.54 8.70 -8.31
CA LYS A 113 -19.92 9.18 -8.26
C LYS A 113 -20.42 9.67 -9.62
N ASP A 114 -19.61 10.51 -10.25
CA ASP A 114 -19.98 11.23 -11.47
C ASP A 114 -20.25 10.30 -12.66
N ASN A 115 -19.57 9.15 -12.70
CA ASN A 115 -19.62 8.31 -13.89
C ASN A 115 -20.38 7.00 -13.68
N ILE A 116 -20.95 6.84 -12.49
CA ILE A 116 -21.76 5.66 -12.18
C ILE A 116 -23.15 5.73 -12.81
N GLY A 117 -23.43 4.82 -13.74
CA GLY A 117 -24.74 4.82 -14.38
C GLY A 117 -25.84 4.23 -13.53
N SER A 118 -27.07 4.25 -14.02
CA SER A 118 -28.18 3.63 -13.31
C SER A 118 -28.24 2.15 -13.66
N GLN A 119 -27.50 1.76 -14.69
CA GLN A 119 -27.46 0.36 -15.08
C GLN A 119 -26.60 -0.38 -14.08
N TYR A 120 -25.48 0.24 -13.71
CA TYR A 120 -24.58 -0.34 -12.71
C TYR A 120 -25.29 -0.47 -11.38
N LEU A 121 -25.66 0.65 -10.79
CA LEU A 121 -26.41 0.63 -9.56
C LEU A 121 -27.37 -0.54 -9.50
N LEU A 122 -28.08 -0.80 -10.58
CA LEU A 122 -29.16 -1.79 -10.56
C LEU A 122 -28.64 -3.20 -10.62
N ASN A 123 -27.68 -3.44 -11.51
CA ASN A 123 -27.07 -4.76 -11.55
C ASN A 123 -26.40 -5.06 -10.22
N TRP A 124 -25.44 -4.22 -9.79
CA TRP A 124 -24.85 -4.35 -8.46
C TRP A 124 -25.87 -4.85 -7.45
N CYS A 125 -26.99 -4.15 -7.34
CA CYS A 125 -28.05 -4.59 -6.46
C CYS A 125 -28.43 -6.03 -6.73
N VAL A 126 -28.62 -6.39 -8.00
CA VAL A 126 -28.98 -7.76 -8.34
C VAL A 126 -27.89 -8.74 -7.89
N GLN A 127 -26.69 -8.54 -8.39
CA GLN A 127 -25.54 -9.35 -8.01
C GLN A 127 -25.51 -9.62 -6.49
N ILE A 128 -25.35 -8.55 -5.71
CA ILE A 128 -25.52 -8.62 -4.26
C ILE A 128 -26.71 -9.44 -3.81
N ALA A 129 -27.87 -9.18 -4.40
CA ALA A 129 -29.06 -9.89 -3.99
C ALA A 129 -28.88 -11.35 -4.35
N LYS A 130 -28.02 -11.61 -5.33
CA LYS A 130 -27.74 -12.98 -5.78
C LYS A 130 -26.75 -13.68 -4.88
N GLY A 131 -25.59 -13.07 -4.67
CA GLY A 131 -24.69 -13.51 -3.64
C GLY A 131 -25.48 -13.80 -2.37
N MET A 132 -26.16 -12.80 -1.84
CA MET A 132 -26.88 -12.98 -0.60
C MET A 132 -27.90 -14.10 -0.66
N ASN A 133 -28.46 -14.37 -1.83
CA ASN A 133 -29.48 -15.41 -1.93
C ASN A 133 -28.82 -16.76 -1.75
N TYR A 134 -27.71 -16.96 -2.47
CA TYR A 134 -26.91 -18.16 -2.32
C TYR A 134 -26.59 -18.43 -0.85
N LEU A 135 -25.94 -17.48 -0.19
CA LEU A 135 -25.60 -17.63 1.22
C LEU A 135 -26.78 -18.01 2.10
N GLU A 136 -27.99 -17.78 1.62
CA GLU A 136 -29.17 -18.15 2.37
C GLU A 136 -29.44 -19.63 2.16
N ASP A 137 -29.23 -20.09 0.94
CA ASP A 137 -29.42 -21.49 0.61
C ASP A 137 -28.35 -22.37 1.23
N ARG A 138 -27.24 -21.77 1.61
CA ARG A 138 -26.20 -22.50 2.32
C ARG A 138 -26.34 -22.26 3.81
N ARG A 139 -27.57 -22.20 4.31
CA ARG A 139 -27.83 -22.09 5.74
C ARG A 139 -27.02 -21.02 6.48
N LEU A 140 -26.41 -20.10 5.75
CA LEU A 140 -25.60 -19.07 6.40
C LEU A 140 -26.41 -17.85 6.83
N VAL A 141 -25.85 -17.04 7.73
CA VAL A 141 -26.50 -15.83 8.21
C VAL A 141 -25.44 -14.76 8.34
N HIS A 142 -25.07 -14.23 7.18
CA HIS A 142 -23.91 -13.38 6.97
C HIS A 142 -23.61 -12.33 8.06
N ARG A 143 -24.60 -12.02 8.91
CA ARG A 143 -24.44 -11.08 10.03
C ARG A 143 -23.52 -9.86 9.85
N ASP A 144 -23.22 -9.49 8.61
CA ASP A 144 -22.31 -8.38 8.39
C ASP A 144 -22.32 -7.81 6.96
N LEU A 145 -23.50 -7.76 6.36
CA LEU A 145 -23.66 -7.21 5.02
C LEU A 145 -23.81 -5.70 4.99
N ALA A 146 -22.94 -5.05 4.22
CA ALA A 146 -22.92 -3.60 4.15
C ALA A 146 -22.11 -3.20 2.93
N ALA A 147 -22.11 -1.91 2.62
CA ALA A 147 -21.52 -1.45 1.37
C ALA A 147 -20.00 -1.57 1.43
N ARG A 148 -19.43 -1.32 2.60
CA ARG A 148 -17.99 -1.49 2.79
C ARG A 148 -17.60 -2.96 2.66
N ASN A 149 -18.53 -3.86 2.96
CA ASN A 149 -18.28 -5.29 2.94
C ASN A 149 -18.59 -5.95 1.61
N VAL A 150 -18.74 -5.15 0.56
CA VAL A 150 -18.96 -5.69 -0.78
C VAL A 150 -17.81 -5.28 -1.67
N LEU A 151 -17.35 -6.18 -2.51
CA LEU A 151 -16.13 -5.97 -3.26
C LEU A 151 -16.34 -5.92 -4.76
N VAL A 152 -15.43 -5.24 -5.44
CA VAL A 152 -15.53 -5.09 -6.88
C VAL A 152 -14.46 -5.92 -7.56
N LYS A 153 -14.88 -6.95 -8.29
CA LYS A 153 -13.98 -7.66 -9.17
C LYS A 153 -13.71 -6.76 -10.38
N THR A 154 -14.72 -6.61 -11.24
CA THR A 154 -14.76 -5.54 -12.24
C THR A 154 -16.00 -4.71 -11.98
N PRO A 155 -16.03 -3.46 -12.47
CA PRO A 155 -17.13 -2.57 -12.12
C PRO A 155 -18.50 -3.14 -12.47
N GLN A 156 -18.50 -4.31 -13.11
CA GLN A 156 -19.73 -4.96 -13.52
C GLN A 156 -19.87 -6.31 -12.84
N HIS A 157 -19.15 -6.48 -11.73
CA HIS A 157 -19.14 -7.75 -11.02
C HIS A 157 -18.73 -7.57 -9.57
N VAL A 158 -19.69 -7.67 -8.66
CA VAL A 158 -19.43 -7.51 -7.23
C VAL A 158 -19.65 -8.83 -6.51
N LYS A 159 -18.84 -9.07 -5.49
CA LYS A 159 -18.92 -10.29 -4.70
C LYS A 159 -19.10 -9.90 -3.25
N ILE A 160 -19.87 -10.65 -2.48
CA ILE A 160 -19.90 -10.42 -1.04
C ILE A 160 -18.75 -11.14 -0.34
N THR A 161 -18.04 -10.42 0.51
CA THR A 161 -16.87 -10.95 1.19
C THR A 161 -17.27 -11.35 2.62
N ASP A 162 -16.34 -12.00 3.33
CA ASP A 162 -16.56 -12.39 4.72
C ASP A 162 -15.46 -11.88 5.64
N PHE A 163 -15.68 -12.01 6.94
CA PHE A 163 -14.68 -11.62 7.94
C PHE A 163 -15.10 -12.28 9.24
N GLY A 164 -15.69 -13.46 9.13
CA GLY A 164 -15.87 -14.31 10.29
C GLY A 164 -17.23 -14.21 10.98
N ARG A 165 -17.94 -13.11 10.73
CA ARG A 165 -19.16 -12.80 11.48
C ARG A 165 -20.40 -13.55 11.00
N ALA A 166 -20.33 -14.14 9.81
CA ALA A 166 -21.39 -15.02 9.34
C ALA A 166 -21.57 -16.15 10.32
N LYS A 167 -22.79 -16.68 10.40
CA LYS A 167 -23.08 -17.80 11.28
C LYS A 167 -23.86 -18.90 10.57
N LEU A 168 -23.40 -20.15 10.73
CA LEU A 168 -24.04 -21.29 10.09
C LEU A 168 -25.24 -21.79 10.87
N LEU A 169 -26.31 -22.11 10.14
CA LEU A 169 -27.58 -22.44 10.76
C LEU A 169 -27.80 -23.95 10.90
N GLY A 170 -28.00 -24.40 12.13
CA GLY A 170 -28.31 -25.80 12.35
C GLY A 170 -29.61 -26.21 11.66
N ALA A 171 -29.53 -27.23 10.81
CA ALA A 171 -30.66 -27.68 10.00
C ALA A 171 -32.04 -27.33 10.56
N GLU A 172 -32.27 -27.69 11.82
CA GLU A 172 -33.60 -27.53 12.39
C GLU A 172 -33.76 -26.19 13.15
N GLU A 173 -32.97 -25.19 12.77
CA GLU A 173 -33.04 -23.87 13.39
C GLU A 173 -33.32 -22.77 12.37
N LYS A 174 -33.83 -21.65 12.86
CA LYS A 174 -34.03 -20.46 12.03
C LYS A 174 -33.43 -19.25 12.73
N GLU A 175 -33.18 -19.40 14.03
CA GLU A 175 -32.69 -18.30 14.85
C GLU A 175 -31.19 -18.10 14.77
N TYR A 176 -30.70 -17.12 15.52
CA TYR A 176 -29.33 -17.11 15.99
C TYR A 176 -29.14 -15.98 16.99
N HIS A 177 -28.50 -16.28 18.12
CA HIS A 177 -28.38 -15.33 19.20
C HIS A 177 -26.93 -15.00 19.48
N ALA A 178 -26.44 -13.96 18.81
CA ALA A 178 -25.08 -13.51 18.99
C ALA A 178 -24.79 -13.30 20.47
N GLU A 179 -23.51 -13.31 20.84
CA GLU A 179 -23.15 -13.20 22.24
C GLU A 179 -23.20 -11.74 22.67
N GLY A 180 -22.11 -11.02 22.45
CA GLY A 180 -22.07 -9.61 22.82
C GLY A 180 -21.03 -8.89 21.97
N GLY A 181 -20.56 -7.76 22.45
CA GLY A 181 -19.48 -7.07 21.76
C GLY A 181 -19.92 -5.98 20.80
N LYS A 182 -19.11 -5.79 19.76
CA LYS A 182 -19.30 -4.67 18.85
C LYS A 182 -20.07 -5.08 17.61
N VAL A 183 -21.12 -4.32 17.31
CA VAL A 183 -22.02 -4.62 16.19
C VAL A 183 -22.18 -3.39 15.31
N PRO A 184 -22.31 -3.59 13.98
CA PRO A 184 -22.66 -2.46 13.10
C PRO A 184 -24.12 -2.13 13.29
N ILE A 185 -24.38 -1.15 14.14
CA ILE A 185 -25.73 -0.91 14.66
C ILE A 185 -26.69 -0.27 13.66
N LYS A 186 -26.15 0.58 12.79
CA LYS A 186 -27.01 1.29 11.85
C LYS A 186 -27.41 0.45 10.65
N TRP A 187 -26.71 -0.66 10.43
CA TRP A 187 -27.12 -1.60 9.40
C TRP A 187 -27.95 -2.76 9.92
N MET A 188 -28.19 -2.84 11.22
CA MET A 188 -28.91 -3.99 11.76
C MET A 188 -30.39 -3.75 11.83
N ALA A 189 -31.16 -4.83 11.67
CA ALA A 189 -32.60 -4.84 11.92
C ALA A 189 -32.88 -4.39 13.33
N LEU A 190 -34.05 -4.71 13.85
CA LEU A 190 -34.36 -4.21 15.18
C LEU A 190 -34.24 -5.32 16.22
N GLU A 191 -34.68 -6.53 15.86
CA GLU A 191 -34.47 -7.67 16.75
C GLU A 191 -32.97 -7.72 16.94
N SER A 192 -32.24 -7.80 15.84
CA SER A 192 -30.80 -7.80 15.94
C SER A 192 -30.36 -6.79 17.00
N ILE A 193 -30.85 -5.57 16.90
CA ILE A 193 -30.39 -4.49 17.80
C ILE A 193 -30.86 -4.68 19.22
N LEU A 194 -32.14 -4.98 19.38
CA LEU A 194 -32.72 -5.08 20.70
C LEU A 194 -32.51 -6.47 21.32
N HIS A 195 -32.21 -7.46 20.47
CA HIS A 195 -32.28 -8.86 20.86
C HIS A 195 -31.11 -9.73 20.45
N ARG A 196 -30.12 -9.14 19.82
CA ARG A 196 -28.96 -9.92 19.44
C ARG A 196 -29.46 -11.14 18.69
N ILE A 197 -30.66 -11.05 18.11
CA ILE A 197 -31.14 -12.09 17.22
C ILE A 197 -30.86 -11.76 15.74
N TYR A 198 -30.25 -12.70 15.04
CA TYR A 198 -29.95 -12.53 13.62
C TYR A 198 -30.47 -13.73 12.84
N THR A 199 -31.22 -13.48 11.76
CA THR A 199 -31.71 -14.54 10.90
C THR A 199 -31.60 -14.07 9.46
N HIS A 200 -32.26 -14.74 8.54
CA HIS A 200 -32.05 -14.41 7.14
C HIS A 200 -32.75 -13.11 6.80
N GLN A 201 -33.74 -12.73 7.61
CA GLN A 201 -34.47 -11.49 7.36
C GLN A 201 -33.76 -10.32 8.02
N SER A 202 -33.19 -10.54 9.19
CA SER A 202 -32.27 -9.58 9.77
C SER A 202 -31.21 -9.29 8.73
N ASP A 203 -31.08 -10.20 7.77
CA ASP A 203 -30.02 -10.07 6.79
C ASP A 203 -30.47 -9.23 5.61
N VAL A 204 -31.77 -9.32 5.31
CA VAL A 204 -32.38 -8.57 4.20
C VAL A 204 -32.47 -7.11 4.59
N TRP A 205 -32.78 -6.87 5.86
CA TRP A 205 -32.76 -5.53 6.40
C TRP A 205 -31.44 -4.80 6.11
N SER A 206 -30.32 -5.50 6.18
CA SER A 206 -29.03 -4.88 5.87
C SER A 206 -28.89 -4.76 4.37
N TYR A 207 -29.68 -5.55 3.65
CA TYR A 207 -29.75 -5.37 2.22
C TYR A 207 -30.41 -4.02 1.95
N GLY A 208 -31.46 -3.73 2.72
CA GLY A 208 -32.07 -2.42 2.69
C GLY A 208 -31.01 -1.34 2.82
N VAL A 209 -30.44 -1.21 4.02
CA VAL A 209 -29.47 -0.15 4.27
C VAL A 209 -28.42 -0.07 3.19
N THR A 210 -27.96 -1.23 2.71
CA THR A 210 -26.87 -1.27 1.73
C THR A 210 -27.25 -0.77 0.33
N VAL A 211 -28.53 -0.92 -0.03
CA VAL A 211 -28.98 -0.43 -1.31
C VAL A 211 -29.31 1.04 -1.19
N TRP A 212 -29.85 1.43 -0.05
CA TRP A 212 -29.99 2.84 0.23
C TRP A 212 -28.59 3.44 0.13
N GLU A 213 -27.60 2.69 0.58
CA GLU A 213 -26.23 3.18 0.71
C GLU A 213 -25.62 3.45 -0.66
N LEU A 214 -26.06 2.72 -1.67
CA LEU A 214 -25.52 2.90 -3.00
C LEU A 214 -26.32 3.92 -3.77
N MET A 215 -27.61 4.04 -3.43
CA MET A 215 -28.47 4.98 -4.14
C MET A 215 -28.13 6.39 -3.70
N THR A 216 -27.62 6.54 -2.49
CA THR A 216 -27.24 7.84 -1.98
C THR A 216 -25.77 8.07 -2.27
N PHE A 217 -25.20 7.16 -3.05
CA PHE A 217 -23.79 7.21 -3.49
C PHE A 217 -22.78 7.23 -2.37
N GLY A 218 -22.80 6.20 -1.53
CA GLY A 218 -21.88 6.15 -0.41
C GLY A 218 -22.14 7.20 0.65
N SER A 219 -23.39 7.66 0.72
CA SER A 219 -23.80 8.59 1.78
C SER A 219 -23.92 7.85 3.09
N LYS A 220 -23.77 8.57 4.19
CA LYS A 220 -23.71 7.95 5.51
C LYS A 220 -25.09 7.77 6.14
N PRO A 221 -25.45 6.54 6.51
CA PRO A 221 -26.76 6.22 7.09
C PRO A 221 -27.03 7.00 8.36
N TYR A 222 -28.31 7.27 8.63
CA TYR A 222 -28.74 7.97 9.83
C TYR A 222 -27.69 8.95 10.30
N ASP A 223 -27.23 9.80 9.38
CA ASP A 223 -26.10 10.67 9.68
C ASP A 223 -26.48 11.78 10.63
N GLY A 224 -25.66 11.97 11.65
CA GLY A 224 -25.97 12.94 12.67
C GLY A 224 -26.68 12.32 13.87
N ILE A 225 -27.10 11.06 13.75
CA ILE A 225 -27.83 10.42 14.83
C ILE A 225 -27.04 9.34 15.53
N PRO A 226 -26.89 9.46 16.85
CA PRO A 226 -26.15 8.51 17.69
C PRO A 226 -26.77 7.11 17.64
N ALA A 227 -25.94 6.11 17.40
CA ALA A 227 -26.35 4.72 17.51
C ALA A 227 -27.19 4.51 18.78
N SER A 228 -27.04 5.40 19.75
CA SER A 228 -27.57 5.20 21.09
C SER A 228 -29.08 5.06 21.07
N GLU A 229 -29.74 5.54 20.01
CA GLU A 229 -31.16 5.29 19.86
C GLU A 229 -31.70 5.26 18.42
N ILE A 230 -30.89 4.73 17.51
CA ILE A 230 -31.42 4.12 16.31
C ILE A 230 -32.56 3.21 16.75
N SER A 231 -32.37 2.61 17.92
CA SER A 231 -33.35 1.69 18.49
C SER A 231 -34.75 2.30 18.51
N SER A 232 -34.83 3.59 18.84
CA SER A 232 -36.11 4.22 19.13
C SER A 232 -36.67 4.92 17.90
N ILE A 233 -35.80 5.61 17.17
CA ILE A 233 -36.15 6.16 15.87
C ILE A 233 -36.86 5.10 15.03
N LEU A 234 -36.31 3.89 15.04
CA LEU A 234 -36.93 2.78 14.34
C LEU A 234 -38.16 2.37 15.12
N GLU A 235 -38.14 2.59 16.42
CA GLU A 235 -39.27 2.22 17.24
C GLU A 235 -40.42 3.20 17.08
N LYS A 236 -40.09 4.44 16.77
CA LYS A 236 -41.09 5.46 16.50
C LYS A 236 -41.62 5.29 15.08
N GLY A 237 -40.75 4.93 14.15
CA GLY A 237 -41.21 4.61 12.82
C GLY A 237 -40.44 5.33 11.74
N GLU A 238 -39.25 5.80 12.08
CA GLU A 238 -38.41 6.48 11.09
C GLU A 238 -37.46 5.49 10.42
N ARG A 239 -37.23 5.66 9.12
CA ARG A 239 -36.34 4.80 8.36
C ARG A 239 -35.40 5.67 7.53
N LEU A 240 -34.69 5.07 6.58
CA LEU A 240 -33.79 5.88 5.77
C LEU A 240 -34.53 6.61 4.66
N PRO A 241 -34.19 7.89 4.44
CA PRO A 241 -34.92 8.75 3.51
C PRO A 241 -34.81 8.26 2.07
N GLN A 242 -35.86 8.49 1.29
CA GLN A 242 -35.78 8.29 -0.15
C GLN A 242 -34.47 8.85 -0.70
N PRO A 243 -33.70 8.03 -1.41
CA PRO A 243 -32.58 8.63 -2.15
C PRO A 243 -33.12 9.45 -3.33
N PRO A 244 -32.45 10.58 -3.62
CA PRO A 244 -32.84 11.52 -4.68
C PRO A 244 -32.96 10.90 -6.06
N ILE A 245 -32.12 9.91 -6.38
CA ILE A 245 -32.12 9.36 -7.73
C ILE A 245 -33.21 8.30 -7.89
N CYS A 246 -34.03 8.14 -6.85
CA CYS A 246 -34.90 6.96 -6.71
C CYS A 246 -36.39 7.22 -6.94
N THR A 247 -36.92 6.68 -8.04
CA THR A 247 -38.37 6.72 -8.25
C THR A 247 -39.00 5.87 -7.16
N ILE A 248 -40.26 6.16 -6.84
CA ILE A 248 -40.92 5.54 -5.70
C ILE A 248 -40.72 4.03 -5.74
N ASP A 249 -40.71 3.46 -6.94
CA ASP A 249 -40.76 2.00 -7.08
C ASP A 249 -39.57 1.37 -6.38
N VAL A 250 -38.38 1.72 -6.86
CA VAL A 250 -37.12 1.37 -6.21
C VAL A 250 -37.13 1.57 -4.71
N TYR A 251 -37.49 2.78 -4.27
CA TYR A 251 -37.32 3.14 -2.87
C TYR A 251 -38.26 2.48 -1.87
N MET A 252 -39.45 2.09 -2.27
CA MET A 252 -40.27 1.40 -1.28
C MET A 252 -40.03 -0.10 -1.32
N ILE A 253 -39.11 -0.53 -2.18
CA ILE A 253 -38.56 -1.87 -2.07
C ILE A 253 -37.57 -1.93 -0.92
N MET A 254 -36.76 -0.88 -0.77
CA MET A 254 -35.89 -0.75 0.41
C MET A 254 -36.77 -0.64 1.64
N VAL A 255 -37.72 0.28 1.63
CA VAL A 255 -38.51 0.54 2.82
C VAL A 255 -39.44 -0.61 3.13
N LYS A 256 -39.38 -1.66 2.31
CA LYS A 256 -40.03 -2.91 2.65
C LYS A 256 -39.11 -3.69 3.59
N CYS A 257 -37.81 -3.60 3.34
CA CYS A 257 -36.82 -4.36 4.10
C CYS A 257 -36.63 -3.87 5.52
N TRP A 258 -37.20 -2.72 5.83
CA TRP A 258 -37.01 -2.16 7.17
C TRP A 258 -38.27 -2.24 8.00
N MET A 259 -39.18 -3.14 7.61
CA MET A 259 -40.38 -3.41 8.41
C MET A 259 -40.04 -4.00 9.76
N ILE A 260 -40.93 -3.80 10.73
CA ILE A 260 -40.70 -4.36 12.06
C ILE A 260 -40.71 -5.87 11.98
N ASP A 261 -41.89 -6.47 11.93
CA ASP A 261 -42.00 -7.92 11.78
C ASP A 261 -41.20 -8.41 10.59
N ALA A 262 -40.31 -9.37 10.83
CA ALA A 262 -39.25 -9.68 9.89
C ALA A 262 -39.56 -10.83 8.93
N ASP A 263 -40.60 -11.60 9.25
CA ASP A 263 -41.02 -12.71 8.41
C ASP A 263 -41.63 -12.20 7.12
N SER A 264 -42.01 -10.93 7.15
CA SER A 264 -42.77 -10.31 6.07
C SER A 264 -41.98 -9.20 5.39
N ARG A 265 -40.70 -9.11 5.70
CA ARG A 265 -39.80 -8.37 4.84
C ARG A 265 -39.64 -9.22 3.61
N PRO A 266 -39.24 -8.61 2.48
CA PRO A 266 -39.06 -9.45 1.30
C PRO A 266 -38.01 -10.54 1.52
N LYS A 267 -37.99 -11.51 0.61
CA LYS A 267 -37.00 -12.57 0.63
C LYS A 267 -36.02 -12.35 -0.51
N PHE A 268 -34.75 -12.64 -0.29
CA PHE A 268 -33.74 -12.41 -1.32
C PHE A 268 -34.13 -13.07 -2.63
N ARG A 269 -34.85 -14.19 -2.55
CA ARG A 269 -35.33 -14.87 -3.74
C ARG A 269 -36.29 -13.99 -4.56
N GLU A 270 -37.21 -13.31 -3.88
CA GLU A 270 -38.05 -12.27 -4.49
C GLU A 270 -37.19 -11.07 -4.89
N LEU A 271 -36.49 -10.51 -3.91
CA LEU A 271 -35.65 -9.34 -4.11
C LEU A 271 -34.85 -9.42 -5.39
N ILE A 272 -34.56 -10.66 -5.82
CA ILE A 272 -33.79 -10.88 -7.03
C ILE A 272 -34.59 -10.58 -8.29
N ILE A 273 -35.84 -11.02 -8.30
CA ILE A 273 -36.72 -10.81 -9.43
C ILE A 273 -36.97 -9.33 -9.70
N GLU A 274 -37.52 -8.66 -8.70
CA GLU A 274 -37.83 -7.25 -8.80
C GLU A 274 -36.67 -6.42 -9.38
N PHE A 275 -35.57 -6.33 -8.65
CA PHE A 275 -34.40 -5.59 -9.11
C PHE A 275 -33.87 -6.11 -10.45
N SER A 276 -34.22 -7.34 -10.78
CA SER A 276 -33.72 -7.93 -12.00
C SER A 276 -34.55 -7.43 -13.16
N LYS A 277 -35.83 -7.12 -12.88
CA LYS A 277 -36.73 -6.53 -13.87
C LYS A 277 -36.49 -5.04 -14.02
N MET A 278 -36.35 -4.35 -12.90
CA MET A 278 -36.00 -2.94 -12.95
C MET A 278 -34.65 -2.77 -13.65
N ALA A 279 -33.87 -3.85 -13.70
CA ALA A 279 -32.51 -3.80 -14.25
C ALA A 279 -32.50 -3.77 -15.78
N ARG A 280 -33.49 -4.40 -16.40
CA ARG A 280 -33.60 -4.41 -17.85
C ARG A 280 -34.38 -3.19 -18.33
N ASP A 281 -34.27 -2.10 -17.59
CA ASP A 281 -35.04 -0.89 -17.82
C ASP A 281 -34.61 0.17 -16.80
N PRO A 282 -33.30 0.47 -16.74
CA PRO A 282 -32.73 1.25 -15.63
C PRO A 282 -33.30 2.65 -15.43
N GLN A 283 -33.30 3.46 -16.48
CA GLN A 283 -33.66 4.86 -16.35
C GLN A 283 -35.13 5.04 -16.02
N ARG A 284 -35.91 3.99 -16.19
CA ARG A 284 -37.33 4.07 -15.87
C ARG A 284 -37.53 4.13 -14.35
N TYR A 285 -36.50 3.77 -13.59
CA TYR A 285 -36.62 3.73 -12.13
C TYR A 285 -35.55 4.56 -11.45
N LEU A 286 -34.38 4.62 -12.06
CA LEU A 286 -33.29 5.41 -11.48
C LEU A 286 -32.92 6.61 -12.36
N VAL A 287 -33.03 7.81 -11.79
CA VAL A 287 -32.81 9.05 -12.53
C VAL A 287 -31.55 9.78 -12.10
N ILE A 288 -30.51 9.68 -12.93
CA ILE A 288 -29.20 10.25 -12.62
C ILE A 288 -28.82 11.29 -13.67
N GLN A 289 -28.89 12.56 -13.26
CA GLN A 289 -28.66 13.69 -14.16
C GLN A 289 -27.39 13.47 -14.96
N GLY A 290 -27.53 13.30 -16.27
CA GLY A 290 -26.36 13.06 -17.10
C GLY A 290 -26.00 11.58 -17.11
N ASP A 291 -27.04 10.75 -17.23
CA ASP A 291 -26.89 9.30 -17.17
C ASP A 291 -26.49 8.71 -18.52
N GLU A 292 -27.21 9.09 -19.58
CA GLU A 292 -27.01 8.48 -20.90
C GLU A 292 -25.56 8.57 -21.38
N ARG A 293 -24.83 9.59 -20.89
CA ARG A 293 -23.38 9.64 -21.00
C ARG A 293 -22.78 9.24 -19.65
N MET A 294 -21.63 8.56 -19.68
CA MET A 294 -20.88 8.19 -18.47
C MET A 294 -19.82 7.13 -18.78
N GLU A 322 21.81 -12.89 -18.17
CA GLU A 322 22.42 -12.14 -19.26
C GLU A 322 21.78 -12.53 -20.59
N TYR A 323 22.20 -11.85 -21.66
CA TYR A 323 21.74 -12.14 -23.03
C TYR A 323 22.19 -11.06 -24.00
N LEU A 324 21.29 -10.13 -24.33
CA LEU A 324 21.57 -9.05 -25.28
C LEU A 324 22.69 -8.16 -24.78
N ILE A 325 23.33 -7.45 -25.70
CA ILE A 325 24.56 -6.75 -25.36
C ILE A 325 24.72 -5.50 -26.21
N PRO A 326 25.39 -4.48 -25.66
CA PRO A 326 25.74 -3.24 -26.38
C PRO A 326 26.82 -3.35 -27.49
N LEU B 10 4.82 13.96 -17.93
CA LEU B 10 4.43 13.22 -16.70
C LEU B 10 4.65 14.05 -15.43
N LEU B 11 5.44 15.11 -15.57
CA LEU B 11 5.90 15.90 -14.43
C LEU B 11 4.79 16.76 -13.86
N ARG B 12 4.25 16.38 -12.71
CA ARG B 12 3.20 17.17 -12.09
C ARG B 12 3.76 18.45 -11.49
N ILE B 13 3.27 19.59 -11.99
CA ILE B 13 3.65 20.89 -11.46
C ILE B 13 2.58 21.34 -10.48
N LEU B 14 2.98 21.58 -9.23
CA LEU B 14 2.00 21.58 -8.15
C LEU B 14 1.72 22.95 -7.54
N LYS B 15 0.49 23.10 -7.04
CA LYS B 15 0.05 24.32 -6.38
C LYS B 15 0.41 24.29 -4.90
N GLU B 16 1.12 25.32 -4.46
CA GLU B 16 1.60 25.42 -3.09
C GLU B 16 0.50 25.03 -2.09
N THR B 17 -0.74 24.99 -2.56
CA THR B 17 -1.88 24.69 -1.70
C THR B 17 -2.53 23.34 -1.99
N GLU B 18 -1.76 22.42 -2.56
CA GLU B 18 -2.21 21.05 -2.71
C GLU B 18 -1.59 20.16 -1.63
N PHE B 19 -0.41 20.54 -1.16
CA PHE B 19 0.26 19.80 -0.10
C PHE B 19 0.52 20.68 1.11
N LYS B 20 0.37 20.11 2.30
CA LYS B 20 0.68 20.81 3.54
C LYS B 20 1.87 20.14 4.20
N LYS B 21 2.98 20.86 4.33
CA LYS B 21 4.16 20.25 4.92
C LYS B 21 4.06 20.26 6.44
N ILE B 22 3.81 19.08 7.00
CA ILE B 22 3.50 18.92 8.41
C ILE B 22 4.72 19.18 9.30
N LYS B 23 5.56 18.16 9.44
CA LYS B 23 6.76 18.29 10.27
C LYS B 23 8.05 18.26 9.46
N VAL B 24 9.11 18.83 10.03
CA VAL B 24 10.44 18.71 9.45
C VAL B 24 10.99 17.33 9.82
N LEU B 25 11.51 16.64 8.83
CA LEU B 25 11.83 15.22 8.97
C LEU B 25 13.34 14.99 8.89
N GLY B 26 14.10 16.01 9.27
CA GLY B 26 15.53 16.02 9.00
C GLY B 26 15.82 17.09 7.95
N SER B 27 17.01 17.68 8.01
CA SER B 27 17.33 18.77 7.13
C SER B 27 18.82 19.04 7.07
N GLY B 28 19.37 19.00 5.86
CA GLY B 28 20.77 19.38 5.69
C GLY B 28 20.92 20.87 5.43
N ALA B 29 22.09 21.27 4.96
CA ALA B 29 22.33 22.66 4.58
C ALA B 29 22.35 22.77 3.08
N PHE B 30 22.23 21.62 2.43
CA PHE B 30 21.97 21.56 1.00
C PHE B 30 20.47 21.70 0.78
N GLY B 31 19.68 21.07 1.65
CA GLY B 31 18.25 21.13 1.49
C GLY B 31 17.53 20.98 2.82
N THR B 32 16.26 20.64 2.75
CA THR B 32 15.46 20.35 3.93
C THR B 32 14.23 19.55 3.55
N VAL B 33 14.00 18.45 4.25
CA VAL B 33 12.95 17.52 3.88
C VAL B 33 11.84 17.53 4.90
N TYR B 34 10.65 17.96 4.47
CA TYR B 34 9.49 17.93 5.36
C TYR B 34 8.65 16.71 5.02
N LYS B 35 7.83 16.31 6.00
CA LYS B 35 6.71 15.41 5.75
C LYS B 35 5.47 16.14 6.22
N GLY B 36 4.46 16.22 5.35
CA GLY B 36 4.58 15.71 4.01
C GLY B 36 3.30 15.07 3.51
N LEU B 37 2.22 15.87 3.46
CA LEU B 37 0.95 15.36 2.93
C LEU B 37 0.41 16.17 1.77
N TRP B 38 -0.03 15.45 0.74
CA TRP B 38 -0.43 16.05 -0.52
C TRP B 38 -1.79 15.50 -0.93
N ILE B 39 -2.65 16.38 -1.41
CA ILE B 39 -3.93 15.99 -1.98
C ILE B 39 -4.18 16.75 -3.28
N PRO B 40 -4.25 16.02 -4.40
CA PRO B 40 -4.47 16.67 -5.69
C PRO B 40 -5.72 17.55 -5.71
N GLU B 41 -5.97 18.23 -6.82
CA GLU B 41 -6.97 19.30 -6.90
C GLU B 41 -8.31 18.97 -6.25
N GLY B 42 -8.42 19.23 -4.95
CA GLY B 42 -9.63 18.88 -4.22
C GLY B 42 -9.95 17.40 -4.31
N GLU B 43 -9.20 16.70 -5.15
CA GLU B 43 -9.45 15.28 -5.43
C GLU B 43 -9.44 14.45 -4.15
N LYS B 44 -10.62 13.98 -3.78
CA LYS B 44 -10.74 12.99 -2.71
C LYS B 44 -9.84 13.29 -1.52
N VAL B 45 -9.04 12.30 -1.14
CA VAL B 45 -8.25 12.35 0.08
C VAL B 45 -6.74 12.27 -0.16
N LYS B 46 -6.01 11.93 0.91
CA LYS B 46 -4.60 12.25 1.04
C LYS B 46 -3.64 11.11 0.67
N ILE B 47 -2.50 11.48 0.08
CA ILE B 47 -1.38 10.56 -0.10
C ILE B 47 -0.12 11.18 0.50
N PRO B 48 0.42 10.58 1.57
CA PRO B 48 1.57 11.15 2.27
C PRO B 48 2.83 11.19 1.42
N VAL B 49 3.36 12.39 1.23
CA VAL B 49 4.51 12.59 0.37
C VAL B 49 5.68 13.16 1.16
N ALA B 50 6.88 13.09 0.59
CA ALA B 50 8.02 13.78 1.16
C ALA B 50 8.28 15.05 0.35
N ILE B 51 8.40 16.18 1.04
CA ILE B 51 8.69 17.44 0.38
C ILE B 51 10.16 17.79 0.53
N LYS B 52 10.93 17.60 -0.54
CA LYS B 52 12.29 18.09 -0.55
C LYS B 52 12.29 19.50 -1.11
N GLU B 53 12.81 20.43 -0.32
CA GLU B 53 12.98 21.80 -0.75
C GLU B 53 14.46 22.11 -0.80
N LEU B 54 14.99 22.46 -1.96
CA LEU B 54 16.40 22.80 -2.08
C LEU B 54 16.66 24.23 -1.64
N ARG B 55 17.93 24.55 -1.42
CA ARG B 55 18.30 25.70 -0.61
C ARG B 55 19.06 26.80 -1.36
N GLU B 56 20.28 26.50 -1.79
CA GLU B 56 21.18 27.55 -2.25
C GLU B 56 20.75 28.15 -3.59
N ALA B 57 20.81 29.48 -3.67
CA ALA B 57 20.16 30.25 -4.75
C ALA B 57 20.44 29.75 -6.16
N THR B 58 19.47 29.03 -6.71
CA THR B 58 19.65 28.31 -7.95
C THR B 58 19.65 29.26 -9.16
N SER B 59 20.74 29.27 -9.91
CA SER B 59 20.86 30.13 -11.08
C SER B 59 19.88 29.69 -12.17
N PRO B 60 19.79 30.48 -13.26
CA PRO B 60 18.94 30.12 -14.40
C PRO B 60 19.40 28.84 -15.09
N LYS B 61 20.71 28.62 -15.15
CA LYS B 61 21.26 27.38 -15.70
C LYS B 61 21.06 26.21 -14.75
N ALA B 62 21.23 26.47 -13.45
CA ALA B 62 21.00 25.46 -12.43
C ALA B 62 19.60 24.88 -12.54
N ASN B 63 18.62 25.77 -12.71
CA ASN B 63 17.23 25.35 -12.69
C ASN B 63 16.84 24.53 -13.91
N LYS B 64 17.29 24.96 -15.07
CA LYS B 64 17.07 24.19 -16.28
C LYS B 64 17.47 22.77 -15.96
N GLU B 65 18.63 22.62 -15.32
CA GLU B 65 19.20 21.31 -15.00
C GLU B 65 18.32 20.50 -14.03
N ILE B 66 17.96 21.09 -12.89
CA ILE B 66 17.07 20.43 -11.94
C ILE B 66 15.79 20.04 -12.64
N LEU B 67 15.40 20.85 -13.62
CA LEU B 67 14.18 20.68 -14.38
C LEU B 67 14.29 19.40 -15.20
N ASP B 68 15.20 19.42 -16.16
CA ASP B 68 15.44 18.32 -17.08
C ASP B 68 15.46 16.96 -16.41
N GLU B 69 16.17 16.88 -15.30
CA GLU B 69 16.29 15.63 -14.56
C GLU B 69 14.97 15.22 -13.92
N ALA B 70 14.18 16.20 -13.50
CA ALA B 70 12.91 15.92 -12.84
C ALA B 70 11.90 15.47 -13.89
N TYR B 71 12.09 15.92 -15.12
CA TYR B 71 11.29 15.43 -16.21
C TYR B 71 11.54 13.93 -16.37
N VAL B 72 12.78 13.53 -16.15
CA VAL B 72 13.15 12.11 -16.20
C VAL B 72 12.75 11.42 -14.91
N MET B 73 13.13 12.00 -13.78
CA MET B 73 12.82 11.44 -12.48
C MET B 73 11.32 11.22 -12.29
N ALA B 74 10.52 12.03 -12.98
CA ALA B 74 9.08 11.96 -12.82
C ALA B 74 8.48 10.88 -13.70
N SER B 75 9.32 10.17 -14.42
CA SER B 75 8.86 9.18 -15.39
C SER B 75 9.54 7.82 -15.26
N VAL B 76 10.10 7.52 -14.10
CA VAL B 76 10.81 6.25 -13.92
C VAL B 76 9.86 5.09 -13.68
N ASP B 77 10.16 3.98 -14.36
CA ASP B 77 9.34 2.77 -14.25
C ASP B 77 9.96 1.70 -13.35
N ASN B 78 11.28 1.72 -13.22
CA ASN B 78 11.99 0.79 -12.34
C ASN B 78 11.51 0.88 -10.89
N PRO B 79 11.48 -0.26 -10.19
CA PRO B 79 11.08 -0.43 -8.79
C PRO B 79 12.12 0.02 -7.76
N HIS B 80 13.36 0.16 -8.20
CA HIS B 80 14.47 0.44 -7.28
C HIS B 80 14.99 1.86 -7.41
N VAL B 81 14.31 2.65 -8.22
CA VAL B 81 14.48 4.10 -8.22
C VAL B 81 13.22 4.78 -7.76
N CYS B 82 13.39 5.75 -6.90
CA CYS B 82 12.26 6.45 -6.33
C CYS B 82 11.74 7.47 -7.34
N ARG B 83 10.50 7.28 -7.77
CA ARG B 83 9.92 8.12 -8.80
C ARG B 83 9.47 9.44 -8.22
N LEU B 84 9.62 10.49 -9.02
CA LEU B 84 9.13 11.81 -8.63
C LEU B 84 7.61 11.83 -8.76
N LEU B 85 6.96 12.47 -7.79
CA LEU B 85 5.54 12.76 -7.89
C LEU B 85 5.35 14.08 -8.60
N GLY B 86 5.69 15.17 -7.91
CA GLY B 86 5.46 16.48 -8.49
C GLY B 86 6.43 17.52 -8.00
N ILE B 87 6.68 18.53 -8.83
CA ILE B 87 7.66 19.54 -8.49
C ILE B 87 6.89 20.80 -8.20
N CYS B 88 7.45 21.70 -7.40
CA CYS B 88 6.71 22.88 -7.00
C CYS B 88 7.51 24.18 -6.98
N LEU B 89 7.75 24.75 -8.15
CA LEU B 89 8.55 25.95 -8.28
C LEU B 89 7.78 27.19 -7.81
N THR B 90 8.44 28.02 -7.02
CA THR B 90 7.99 29.39 -6.77
C THR B 90 9.26 30.23 -6.67
N SER B 91 9.64 30.59 -5.45
CA SER B 91 10.96 31.16 -5.17
C SER B 91 11.92 30.06 -4.69
N THR B 92 11.38 28.86 -4.54
CA THR B 92 12.13 27.73 -4.03
C THR B 92 11.67 26.49 -4.80
N VAL B 93 12.52 25.48 -4.90
CA VAL B 93 12.11 24.23 -5.55
C VAL B 93 11.49 23.28 -4.54
N GLN B 94 10.70 22.32 -5.02
CA GLN B 94 10.09 21.36 -4.12
C GLN B 94 9.80 20.09 -4.90
N LEU B 95 10.51 19.02 -4.53
CA LEU B 95 10.22 17.69 -5.08
C LEU B 95 9.24 16.94 -4.20
N ILE B 96 8.24 16.35 -4.82
CA ILE B 96 7.24 15.63 -4.06
C ILE B 96 7.50 14.14 -4.26
N MET B 97 7.74 13.45 -3.15
CA MET B 97 8.18 12.07 -3.20
C MET B 97 7.19 11.19 -2.46
N GLN B 98 6.92 10.02 -3.02
CA GLN B 98 6.24 8.97 -2.28
C GLN B 98 6.99 8.83 -0.97
N LEU B 99 6.28 8.92 0.15
CA LEU B 99 6.98 8.95 1.44
C LEU B 99 7.53 7.58 1.76
N MET B 100 8.77 7.53 2.21
CA MET B 100 9.35 6.28 2.66
C MET B 100 9.53 6.30 4.16
N PRO B 101 8.76 5.48 4.88
CA PRO B 101 8.69 5.45 6.34
C PRO B 101 9.92 4.87 7.07
N PHE B 102 10.42 3.72 6.61
CA PHE B 102 11.60 3.10 7.22
C PHE B 102 12.82 3.95 6.98
N GLY B 103 12.95 4.43 5.74
CA GLY B 103 13.77 5.61 5.48
C GLY B 103 15.23 5.40 5.12
N CYS B 104 16.04 6.40 5.46
CA CYS B 104 17.46 6.43 5.14
C CYS B 104 18.13 5.10 5.50
N LEU B 105 18.58 4.36 4.49
CA LEU B 105 19.13 3.02 4.68
C LEU B 105 20.40 2.98 5.52
N LEU B 106 21.27 3.97 5.32
CA LEU B 106 22.47 4.09 6.11
C LEU B 106 22.10 3.95 7.56
N ASP B 107 21.04 4.65 7.96
CA ASP B 107 20.67 4.69 9.37
C ASP B 107 19.89 3.46 9.76
N TYR B 108 19.54 2.64 8.78
CA TYR B 108 18.87 1.39 9.07
C TYR B 108 19.89 0.36 9.56
N VAL B 109 20.83 0.00 8.70
CA VAL B 109 21.81 -1.03 9.03
C VAL B 109 22.59 -0.65 10.28
N ARG B 110 22.66 0.64 10.58
CA ARG B 110 23.47 1.07 11.71
C ARG B 110 22.87 0.60 13.01
N GLU B 111 21.56 0.39 13.04
CA GLU B 111 20.91 -0.01 14.27
C GLU B 111 20.03 -1.23 14.14
N HIS B 112 20.07 -1.90 12.99
CA HIS B 112 19.57 -3.26 12.88
C HIS B 112 20.75 -4.18 12.62
N LYS B 113 21.93 -3.74 13.04
CA LYS B 113 23.18 -4.42 12.76
C LYS B 113 23.08 -5.90 13.08
N ASP B 114 22.56 -6.20 14.26
CA ASP B 114 22.58 -7.54 14.83
C ASP B 114 21.74 -8.55 14.03
N ASN B 115 20.68 -8.08 13.38
CA ASN B 115 19.73 -8.99 12.76
C ASN B 115 19.76 -8.94 11.24
N ILE B 116 20.69 -8.15 10.68
CA ILE B 116 20.89 -8.08 9.24
C ILE B 116 21.61 -9.32 8.67
N GLY B 117 20.92 -10.09 7.84
CA GLY B 117 21.53 -11.28 7.26
C GLY B 117 22.47 -10.95 6.11
N SER B 118 23.13 -11.98 5.58
CA SER B 118 23.99 -11.78 4.42
C SER B 118 23.15 -11.85 3.15
N GLN B 119 21.93 -12.33 3.28
CA GLN B 119 21.02 -12.41 2.14
C GLN B 119 20.56 -11.00 1.84
N TYR B 120 20.20 -10.26 2.87
CA TYR B 120 19.77 -8.88 2.71
C TYR B 120 20.88 -8.04 2.12
N LEU B 121 21.98 -7.90 2.85
CA LEU B 121 23.14 -7.20 2.32
C LEU B 121 23.32 -7.41 0.82
N LEU B 122 23.14 -8.65 0.35
CA LEU B 122 23.47 -8.99 -1.03
C LEU B 122 22.38 -8.55 -1.97
N ASN B 123 21.13 -8.82 -1.62
CA ASN B 123 20.04 -8.32 -2.44
C ASN B 123 20.09 -6.80 -2.52
N TRP B 124 20.00 -6.13 -1.37
CA TRP B 124 20.17 -4.67 -1.34
C TRP B 124 21.18 -4.20 -2.38
N CYS B 125 22.37 -4.78 -2.35
CA CYS B 125 23.38 -4.42 -3.34
C CYS B 125 22.83 -4.60 -4.74
N VAL B 126 22.14 -5.72 -4.99
CA VAL B 126 21.58 -5.97 -6.32
C VAL B 126 20.55 -4.90 -6.68
N GLN B 127 19.52 -4.78 -5.85
CA GLN B 127 18.50 -3.74 -6.02
C GLN B 127 19.11 -2.38 -6.38
N ILE B 128 19.91 -1.83 -5.47
CA ILE B 128 20.69 -0.64 -5.79
C ILE B 128 21.38 -0.69 -7.14
N ALA B 129 22.06 -1.80 -7.43
CA ALA B 129 22.79 -1.89 -8.67
C ALA B 129 21.78 -1.87 -9.80
N LYS B 130 20.55 -2.30 -9.50
CA LYS B 130 19.46 -2.29 -10.48
C LYS B 130 18.86 -0.91 -10.71
N GLY B 131 18.40 -0.29 -9.62
CA GLY B 131 18.06 1.12 -9.69
C GLY B 131 19.13 1.86 -10.46
N MET B 132 20.37 1.81 -9.99
CA MET B 132 21.42 2.59 -10.63
C MET B 132 21.62 2.24 -12.08
N ASN B 133 21.29 1.01 -12.47
CA ASN B 133 21.48 0.62 -13.85
C ASN B 133 20.44 1.30 -14.72
N TYR B 134 19.19 1.24 -14.27
CA TYR B 134 18.11 1.97 -14.90
C TYR B 134 18.49 3.43 -15.13
N LEU B 135 18.79 4.16 -14.06
CA LEU B 135 19.18 5.56 -14.17
C LEU B 135 20.29 5.81 -15.19
N GLU B 136 21.03 4.78 -15.54
CA GLU B 136 22.09 4.93 -16.53
C GLU B 136 21.48 4.88 -17.90
N ASP B 137 20.52 3.98 -18.08
CA ASP B 137 19.81 3.84 -19.34
C ASP B 137 18.91 5.05 -19.63
N ARG B 138 18.60 5.82 -18.59
CA ARG B 138 17.84 7.04 -18.78
C ARG B 138 18.80 8.21 -18.80
N ARG B 139 19.97 8.02 -19.40
CA ARG B 139 20.93 9.11 -19.61
C ARG B 139 21.24 9.95 -18.37
N LEU B 140 20.86 9.49 -17.20
CA LEU B 140 21.08 10.27 -15.98
C LEU B 140 22.46 10.03 -15.35
N VAL B 141 22.89 10.95 -14.49
CA VAL B 141 24.18 10.85 -13.82
C VAL B 141 23.98 11.29 -12.38
N HIS B 142 23.39 10.38 -11.62
CA HIS B 142 22.87 10.60 -10.27
C HIS B 142 23.70 11.49 -9.34
N ARG B 143 24.97 11.68 -9.65
CA ARG B 143 25.87 12.58 -8.90
C ARG B 143 25.70 12.67 -7.38
N ASP B 144 25.03 11.69 -6.78
CA ASP B 144 24.79 11.74 -5.34
C ASP B 144 24.38 10.42 -4.71
N LEU B 145 24.97 9.32 -5.18
CA LEU B 145 24.66 7.99 -4.65
C LEU B 145 25.47 7.64 -3.41
N ALA B 146 24.76 7.28 -2.35
CA ALA B 146 25.40 7.00 -1.07
C ALA B 146 24.42 6.26 -0.19
N ALA B 147 24.88 5.78 0.96
CA ALA B 147 24.05 4.90 1.76
C ALA B 147 22.92 5.71 2.39
N ARG B 148 23.22 6.94 2.78
CA ARG B 148 22.20 7.83 3.33
C ARG B 148 21.14 8.15 2.29
N ASN B 149 21.53 8.13 1.02
CA ASN B 149 20.66 8.46 -0.09
C ASN B 149 19.90 7.28 -0.67
N VAL B 150 19.87 6.17 0.07
CA VAL B 150 19.09 5.02 -0.38
C VAL B 150 18.02 4.73 0.66
N LEU B 151 16.85 4.34 0.19
CA LEU B 151 15.68 4.26 1.06
C LEU B 151 15.12 2.85 1.14
N VAL B 152 14.45 2.58 2.24
CA VAL B 152 13.86 1.27 2.49
C VAL B 152 12.36 1.36 2.38
N LYS B 153 11.81 0.71 1.36
CA LYS B 153 10.38 0.49 1.29
C LYS B 153 10.02 -0.56 2.34
N THR B 154 10.39 -1.80 2.05
CA THR B 154 10.41 -2.87 3.06
C THR B 154 11.86 -3.39 3.14
N PRO B 155 12.22 -4.02 4.26
CA PRO B 155 13.62 -4.40 4.44
C PRO B 155 14.17 -5.28 3.30
N GLN B 156 13.29 -5.64 2.37
CA GLN B 156 13.67 -6.48 1.22
C GLN B 156 13.45 -5.70 -0.08
N HIS B 157 13.41 -4.38 0.01
CA HIS B 157 13.16 -3.55 -1.15
C HIS B 157 13.66 -2.14 -0.93
N VAL B 158 14.75 -1.79 -1.59
CA VAL B 158 15.35 -0.46 -1.49
C VAL B 158 15.22 0.28 -2.82
N LYS B 159 15.03 1.59 -2.73
CA LYS B 159 14.91 2.44 -3.91
C LYS B 159 15.93 3.54 -3.80
N ILE B 160 16.52 3.95 -4.92
CA ILE B 160 17.38 5.13 -4.90
C ILE B 160 16.54 6.41 -5.01
N THR B 161 16.81 7.35 -4.11
CA THR B 161 16.04 8.60 -4.09
C THR B 161 16.86 9.69 -4.78
N ASP B 162 16.24 10.86 -4.96
CA ASP B 162 16.91 12.01 -5.53
C ASP B 162 16.80 13.25 -4.64
N PHE B 163 17.55 14.29 -5.01
CA PHE B 163 17.52 15.56 -4.30
C PHE B 163 18.13 16.59 -5.21
N GLY B 164 17.94 16.41 -6.51
CA GLY B 164 18.25 17.46 -7.46
C GLY B 164 19.62 17.39 -8.12
N ARG B 165 20.54 16.63 -7.51
CA ARG B 165 21.94 16.66 -7.90
C ARG B 165 22.25 15.78 -9.11
N ALA B 166 21.31 14.91 -9.47
CA ALA B 166 21.42 14.15 -10.71
C ALA B 166 21.48 15.10 -11.89
N LYS B 167 22.15 14.66 -12.94
CA LYS B 167 22.28 15.47 -14.15
C LYS B 167 21.96 14.64 -15.39
N LEU B 168 21.13 15.22 -16.26
CA LEU B 168 20.71 14.56 -17.50
C LEU B 168 21.74 14.74 -18.62
N LEU B 169 21.98 13.66 -19.35
CA LEU B 169 23.06 13.64 -20.33
C LEU B 169 22.56 13.91 -21.74
N GLY B 170 23.13 14.93 -22.37
CA GLY B 170 22.80 15.23 -23.75
C GLY B 170 23.18 14.08 -24.66
N ALA B 171 22.22 13.57 -25.43
CA ALA B 171 22.41 12.39 -26.27
C ALA B 171 23.86 12.16 -26.71
N GLU B 172 24.49 13.19 -27.27
CA GLU B 172 25.80 13.03 -27.85
C GLU B 172 26.92 13.37 -26.88
N GLU B 173 26.64 13.25 -25.58
CA GLU B 173 27.64 13.53 -24.54
C GLU B 173 27.86 12.33 -23.61
N LYS B 174 29.00 12.32 -22.95
CA LYS B 174 29.30 11.30 -21.95
C LYS B 174 29.78 11.99 -20.68
N GLU B 175 30.18 13.25 -20.83
CA GLU B 175 30.79 14.01 -19.73
C GLU B 175 29.75 14.62 -18.80
N TYR B 176 30.24 15.34 -17.80
CA TYR B 176 29.48 16.41 -17.16
C TYR B 176 30.37 17.15 -16.18
N HIS B 177 30.33 18.47 -16.25
CA HIS B 177 31.25 19.31 -15.49
C HIS B 177 30.50 20.18 -14.51
N ALA B 178 30.30 19.67 -13.31
CA ALA B 178 29.62 20.40 -12.25
C ALA B 178 30.24 21.78 -12.09
N GLU B 179 29.50 22.71 -11.50
CA GLU B 179 29.98 24.08 -11.37
C GLU B 179 30.94 24.17 -10.20
N GLY B 180 30.40 24.40 -9.01
CA GLY B 180 31.22 24.48 -7.82
C GLY B 180 30.41 24.12 -6.60
N GLY B 181 30.86 24.56 -5.43
CA GLY B 181 30.04 24.37 -4.24
C GLY B 181 30.40 23.16 -3.41
N LYS B 182 29.39 22.62 -2.74
CA LYS B 182 29.61 21.56 -1.77
C LYS B 182 29.35 20.19 -2.36
N VAL B 183 30.34 19.30 -2.20
CA VAL B 183 30.28 17.97 -2.78
C VAL B 183 30.55 16.91 -1.71
N PRO B 184 29.88 15.76 -1.80
CA PRO B 184 30.23 14.64 -0.91
C PRO B 184 31.54 14.04 -1.37
N ILE B 185 32.62 14.47 -0.74
CA ILE B 185 33.96 14.22 -1.26
C ILE B 185 34.46 12.81 -1.09
N LYS B 186 34.05 12.16 0.00
CA LYS B 186 34.55 10.81 0.28
C LYS B 186 33.82 9.72 -0.50
N TRP B 187 32.66 10.08 -1.08
CA TRP B 187 31.99 9.17 -2.00
C TRP B 187 32.29 9.40 -3.47
N MET B 188 33.10 10.41 -3.80
CA MET B 188 33.36 10.74 -5.20
C MET B 188 34.58 10.05 -5.74
N ALA B 189 34.54 9.70 -7.02
CA ALA B 189 35.70 9.22 -7.76
C ALA B 189 36.78 10.27 -7.69
N LEU B 190 37.75 10.20 -8.59
CA LEU B 190 38.88 11.10 -8.46
C LEU B 190 38.79 12.23 -9.46
N GLU B 191 38.35 11.92 -10.67
CA GLU B 191 38.10 12.97 -11.64
C GLU B 191 37.07 13.88 -10.98
N SER B 192 35.95 13.30 -10.56
CA SER B 192 34.96 14.08 -9.86
C SER B 192 35.67 15.03 -8.89
N ILE B 193 36.56 14.49 -8.06
CA ILE B 193 37.17 15.30 -7.00
C ILE B 193 38.13 16.34 -7.55
N LEU B 194 39.01 15.91 -8.45
CA LEU B 194 40.03 16.78 -8.98
C LEU B 194 39.53 17.65 -10.13
N HIS B 195 38.42 17.24 -10.74
CA HIS B 195 38.00 17.79 -12.04
C HIS B 195 36.52 18.16 -12.16
N ARG B 196 35.77 17.98 -11.08
CA ARG B 196 34.38 18.33 -11.14
C ARG B 196 33.77 17.64 -12.34
N ILE B 197 34.39 16.55 -12.80
CA ILE B 197 33.79 15.73 -13.86
C ILE B 197 33.01 14.56 -13.29
N TYR B 198 31.77 14.41 -13.72
CA TYR B 198 30.96 13.29 -13.26
C TYR B 198 30.37 12.56 -14.47
N THR B 199 30.50 11.24 -14.51
CA THR B 199 29.91 10.43 -15.59
C THR B 199 29.33 9.17 -14.97
N HIS B 200 29.02 8.19 -15.79
CA HIS B 200 28.35 7.01 -15.24
C HIS B 200 29.30 6.15 -14.43
N GLN B 201 30.61 6.32 -14.67
CA GLN B 201 31.60 5.54 -13.95
C GLN B 201 31.96 6.26 -12.67
N SER B 202 32.04 7.58 -12.71
CA SER B 202 32.13 8.35 -11.48
C SER B 202 30.97 7.91 -10.58
N ASP B 203 29.97 7.30 -11.19
CA ASP B 203 28.77 6.95 -10.47
C ASP B 203 28.92 5.59 -9.85
N VAL B 204 29.66 4.71 -10.54
CA VAL B 204 29.90 3.34 -10.06
C VAL B 204 30.87 3.39 -8.88
N TRP B 205 31.83 4.31 -8.96
CA TRP B 205 32.74 4.54 -7.86
C TRP B 205 31.98 4.78 -6.55
N SER B 206 30.88 5.52 -6.60
CA SER B 206 30.09 5.75 -5.39
C SER B 206 29.29 4.51 -5.06
N TYR B 207 29.12 3.64 -6.05
CA TYR B 207 28.55 2.35 -5.77
C TYR B 207 29.53 1.59 -4.93
N GLY B 208 30.81 1.74 -5.26
CA GLY B 208 31.87 1.17 -4.44
C GLY B 208 31.69 1.60 -2.99
N VAL B 209 31.93 2.87 -2.73
CA VAL B 209 31.86 3.38 -1.36
C VAL B 209 30.57 2.93 -0.65
N THR B 210 29.47 2.94 -1.38
CA THR B 210 28.18 2.61 -0.78
C THR B 210 28.01 1.14 -0.40
N VAL B 211 28.69 0.24 -1.10
CA VAL B 211 28.60 -1.17 -0.77
C VAL B 211 29.61 -1.48 0.32
N TRP B 212 30.73 -0.78 0.27
CA TRP B 212 31.66 -0.86 1.39
C TRP B 212 30.90 -0.38 2.61
N GLU B 213 30.03 0.61 2.41
CA GLU B 213 29.34 1.28 3.49
C GLU B 213 28.37 0.34 4.19
N LEU B 214 27.82 -0.61 3.47
CA LEU B 214 26.83 -1.53 4.03
C LEU B 214 27.52 -2.76 4.56
N MET B 215 28.68 -3.08 4.00
CA MET B 215 29.41 -4.26 4.44
C MET B 215 30.05 -3.97 5.78
N THR B 216 30.36 -2.71 6.02
CA THR B 216 30.96 -2.30 7.28
C THR B 216 29.88 -1.90 8.24
N PHE B 217 28.63 -2.17 7.84
CA PHE B 217 27.42 -1.84 8.63
C PHE B 217 27.22 -0.38 9.03
N GLY B 218 27.18 0.50 8.05
CA GLY B 218 27.05 1.91 8.32
C GLY B 218 28.28 2.51 8.97
N SER B 219 29.44 1.89 8.75
CA SER B 219 30.71 2.44 9.24
C SER B 219 31.08 3.65 8.40
N LYS B 220 31.89 4.54 8.97
CA LYS B 220 32.19 5.83 8.34
C LYS B 220 33.43 5.74 7.44
N PRO B 221 33.28 6.05 6.16
CA PRO B 221 34.36 5.99 5.18
C PRO B 221 35.55 6.84 5.58
N TYR B 222 36.74 6.41 5.16
CA TYR B 222 38.00 7.11 5.42
C TYR B 222 37.95 7.85 6.72
N ASP B 223 37.55 7.15 7.78
CA ASP B 223 37.28 7.79 9.06
C ASP B 223 38.56 8.24 9.73
N GLY B 224 38.56 9.48 10.19
CA GLY B 224 39.78 10.06 10.75
C GLY B 224 40.58 10.84 9.74
N ILE B 225 40.22 10.77 8.46
CA ILE B 225 41.00 11.44 7.43
C ILE B 225 40.26 12.62 6.82
N PRO B 226 40.86 13.80 6.87
CA PRO B 226 40.30 15.03 6.32
C PRO B 226 40.04 14.93 4.82
N ALA B 227 38.83 15.29 4.40
CA ALA B 227 38.53 15.43 2.99
C ALA B 227 39.67 16.14 2.26
N SER B 228 40.46 16.90 3.01
CA SER B 228 41.42 17.82 2.41
C SER B 228 42.45 17.11 1.53
N GLU B 229 42.61 15.81 1.71
CA GLU B 229 43.46 15.04 0.80
C GLU B 229 43.11 13.56 0.67
N ILE B 230 41.82 13.26 0.73
CA ILE B 230 41.32 12.06 0.07
C ILE B 230 41.92 12.05 -1.33
N SER B 231 42.09 13.24 -1.89
CA SER B 231 42.64 13.42 -3.23
C SER B 231 43.95 12.67 -3.40
N SER B 232 44.78 12.69 -2.36
CA SER B 232 46.15 12.21 -2.47
C SER B 232 46.27 10.78 -2.03
N ILE B 233 45.61 10.44 -0.93
CA ILE B 233 45.48 9.07 -0.48
C ILE B 233 45.06 8.19 -1.66
N LEU B 234 44.10 8.66 -2.44
CA LEU B 234 43.66 7.96 -3.63
C LEU B 234 44.74 8.10 -4.69
N GLU B 235 45.49 9.20 -4.60
CA GLU B 235 46.54 9.42 -5.57
C GLU B 235 47.76 8.56 -5.27
N LYS B 236 47.96 8.23 -3.99
CA LYS B 236 49.03 7.35 -3.59
C LYS B 236 48.64 5.91 -3.84
N GLY B 237 47.38 5.58 -3.63
CA GLY B 237 46.91 4.27 -3.99
C GLY B 237 46.13 3.60 -2.89
N GLU B 238 45.67 4.37 -1.92
CA GLU B 238 44.90 3.80 -0.82
C GLU B 238 43.41 3.85 -1.13
N ARG B 239 42.69 2.81 -0.74
CA ARG B 239 41.24 2.74 -0.94
C ARG B 239 40.56 2.32 0.36
N LEU B 240 39.29 1.96 0.31
CA LEU B 240 38.61 1.55 1.54
C LEU B 240 38.96 0.12 1.92
N PRO B 241 39.20 -0.13 3.22
CA PRO B 241 39.70 -1.42 3.69
C PRO B 241 38.67 -2.53 3.46
N GLN B 242 39.15 -3.74 3.25
CA GLN B 242 38.28 -4.91 3.27
C GLN B 242 37.31 -4.89 4.45
N PRO B 243 36.00 -4.98 4.17
CA PRO B 243 35.13 -5.15 5.34
C PRO B 243 35.34 -6.55 5.92
N PRO B 244 35.25 -6.68 7.24
CA PRO B 244 35.43 -7.94 7.96
C PRO B 244 34.52 -9.09 7.52
N ILE B 245 33.30 -8.80 7.13
CA ILE B 245 32.36 -9.86 6.80
C ILE B 245 32.55 -10.32 5.35
N CYS B 246 33.58 -9.80 4.70
CA CYS B 246 33.72 -9.89 3.24
C CYS B 246 34.80 -10.85 2.74
N THR B 247 34.38 -11.95 2.13
CA THR B 247 35.34 -12.84 1.47
C THR B 247 35.94 -12.08 0.31
N ILE B 248 37.15 -12.46 -0.10
CA ILE B 248 37.90 -11.68 -1.07
C ILE B 248 37.01 -11.36 -2.25
N ASP B 249 36.13 -12.30 -2.63
CA ASP B 249 35.40 -12.19 -3.88
C ASP B 249 34.60 -10.92 -3.91
N VAL B 250 33.65 -10.82 -2.98
CA VAL B 250 32.91 -9.60 -2.73
C VAL B 250 33.76 -8.33 -2.71
N TYR B 251 34.83 -8.34 -1.93
CA TYR B 251 35.56 -7.12 -1.66
C TYR B 251 36.42 -6.59 -2.80
N MET B 252 36.90 -7.44 -3.69
CA MET B 252 37.65 -6.87 -4.81
C MET B 252 36.73 -6.55 -5.98
N ILE B 253 35.43 -6.79 -5.80
CA ILE B 253 34.45 -6.18 -6.68
C ILE B 253 34.29 -4.70 -6.36
N MET B 254 34.27 -4.36 -5.07
CA MET B 254 34.30 -2.96 -4.66
C MET B 254 35.61 -2.32 -5.11
N VAL B 255 36.72 -2.98 -4.82
CA VAL B 255 38.02 -2.38 -5.11
C VAL B 255 38.28 -2.35 -6.59
N LYS B 256 37.31 -2.82 -7.38
CA LYS B 256 37.36 -2.63 -8.82
C LYS B 256 36.79 -1.25 -9.15
N CYS B 257 35.76 -0.85 -8.40
CA CYS B 257 35.07 0.40 -8.65
C CYS B 257 35.89 1.62 -8.25
N TRP B 258 37.02 1.42 -7.59
CA TRP B 258 37.80 2.56 -7.16
C TRP B 258 39.07 2.69 -7.95
N MET B 259 39.10 2.09 -9.13
CA MET B 259 40.25 2.22 -10.03
C MET B 259 40.42 3.66 -10.50
N ILE B 260 41.64 4.04 -10.85
CA ILE B 260 41.86 5.37 -11.39
C ILE B 260 41.10 5.55 -12.69
N ASP B 261 41.64 5.05 -13.79
CA ASP B 261 40.95 5.12 -15.08
C ASP B 261 39.52 4.57 -14.95
N ALA B 262 38.56 5.38 -15.38
CA ALA B 262 37.16 5.13 -15.04
C ALA B 262 36.36 4.36 -16.09
N ASP B 263 36.89 4.26 -17.30
CA ASP B 263 36.24 3.52 -18.37
C ASP B 263 36.30 2.02 -18.06
N SER B 264 37.21 1.65 -17.18
CA SER B 264 37.52 0.25 -16.91
C SER B 264 37.15 -0.15 -15.49
N ARG B 265 36.42 0.72 -14.80
CA ARG B 265 35.67 0.30 -13.63
C ARG B 265 34.55 -0.56 -14.16
N PRO B 266 33.98 -1.42 -13.31
CA PRO B 266 32.87 -2.22 -13.81
C PRO B 266 31.69 -1.35 -14.25
N LYS B 267 30.76 -1.96 -14.98
CA LYS B 267 29.56 -1.27 -15.41
C LYS B 267 28.38 -1.83 -14.62
N PHE B 268 27.44 -0.98 -14.24
CA PHE B 268 26.30 -1.41 -13.44
C PHE B 268 25.60 -2.63 -14.07
N ARG B 269 25.67 -2.73 -15.38
CA ARG B 269 25.09 -3.85 -16.10
C ARG B 269 25.78 -5.16 -15.72
N GLU B 270 27.11 -5.12 -15.66
CA GLU B 270 27.91 -6.23 -15.12
C GLU B 270 27.65 -6.39 -13.62
N LEU B 271 27.90 -5.30 -12.88
CA LEU B 271 27.76 -5.26 -11.44
C LEU B 271 26.50 -5.95 -10.98
N ILE B 272 25.51 -6.01 -11.86
CA ILE B 272 24.23 -6.63 -11.53
C ILE B 272 24.34 -8.13 -11.53
N ILE B 273 25.05 -8.67 -12.51
CA ILE B 273 25.18 -10.12 -12.67
C ILE B 273 25.93 -10.72 -11.49
N GLU B 274 27.14 -10.21 -11.28
CA GLU B 274 28.00 -10.67 -10.21
C GLU B 274 27.28 -10.77 -8.88
N PHE B 275 26.91 -9.62 -8.32
CA PHE B 275 26.17 -9.60 -7.06
C PHE B 275 24.89 -10.41 -7.10
N SER B 276 24.37 -10.66 -8.29
CA SER B 276 23.10 -11.37 -8.42
C SER B 276 23.37 -12.86 -8.28
N LYS B 277 24.57 -13.27 -8.68
CA LYS B 277 25.03 -14.66 -8.52
C LYS B 277 25.48 -14.94 -7.09
N MET B 278 26.28 -14.03 -6.54
CA MET B 278 26.68 -14.14 -5.15
C MET B 278 25.43 -14.11 -4.27
N ALA B 279 24.33 -13.62 -4.81
CA ALA B 279 23.10 -13.44 -4.03
C ALA B 279 22.36 -14.75 -3.82
N ARG B 280 22.45 -15.65 -4.79
CA ARG B 280 21.78 -16.95 -4.70
C ARG B 280 22.70 -17.95 -4.00
N ASP B 281 23.51 -17.44 -3.08
CA ASP B 281 24.54 -18.21 -2.40
C ASP B 281 25.25 -17.30 -1.38
N PRO B 282 24.49 -16.67 -0.48
CA PRO B 282 24.98 -15.56 0.35
C PRO B 282 26.18 -15.90 1.24
N GLN B 283 26.03 -16.94 2.07
CA GLN B 283 27.03 -17.23 3.08
C GLN B 283 28.35 -17.70 2.47
N ARG B 284 28.32 -18.05 1.19
CA ARG B 284 29.55 -18.45 0.53
C ARG B 284 30.47 -17.26 0.32
N TYR B 285 29.93 -16.05 0.45
CA TYR B 285 30.73 -14.86 0.20
C TYR B 285 30.69 -13.89 1.36
N LEU B 286 29.58 -13.84 2.06
CA LEU B 286 29.45 -12.97 3.23
C LEU B 286 29.32 -13.76 4.53
N VAL B 287 30.26 -13.54 5.45
CA VAL B 287 30.32 -14.29 6.70
C VAL B 287 29.99 -13.45 7.93
N ILE B 288 28.82 -13.71 8.53
CA ILE B 288 28.39 -12.94 9.68
C ILE B 288 28.20 -13.81 10.91
N GLN B 289 28.85 -13.41 12.01
CA GLN B 289 28.77 -14.14 13.27
C GLN B 289 27.31 -14.44 13.63
N GLY B 290 26.90 -15.68 13.41
CA GLY B 290 25.56 -16.09 13.77
C GLY B 290 24.49 -15.58 12.82
N ASP B 291 24.46 -16.17 11.63
CA ASP B 291 23.70 -15.61 10.53
C ASP B 291 22.29 -16.16 10.38
N GLU B 292 22.15 -17.48 10.50
CA GLU B 292 20.88 -18.14 10.18
C GLU B 292 19.84 -17.97 11.29
N ARG B 293 20.14 -17.08 12.23
CA ARG B 293 19.31 -16.89 13.41
C ARG B 293 18.74 -15.46 13.45
N MET B 294 18.94 -14.71 12.38
CA MET B 294 18.62 -13.28 12.34
C MET B 294 17.12 -13.03 12.14
N HIS B 295 16.63 -11.92 12.66
CA HIS B 295 15.22 -11.58 12.53
C HIS B 295 14.96 -10.10 12.28
N LEU B 296 14.73 -9.75 11.02
CA LEU B 296 14.22 -8.44 10.68
C LEU B 296 12.70 -8.51 10.54
N PRO B 297 11.99 -7.49 11.04
CA PRO B 297 10.54 -7.50 11.25
C PRO B 297 9.70 -7.80 10.00
N SER B 298 8.95 -6.78 9.56
CA SER B 298 7.78 -6.98 8.70
C SER B 298 6.95 -5.68 8.73
N PRO B 299 5.63 -5.77 8.43
CA PRO B 299 4.73 -4.72 8.95
C PRO B 299 4.53 -4.78 10.47
N THR B 300 4.36 -5.99 10.99
CA THR B 300 4.07 -6.24 12.41
C THR B 300 3.18 -5.17 13.02
N VAL B 317 -7.91 11.46 8.59
CA VAL B 317 -8.59 10.20 8.93
C VAL B 317 -9.64 10.38 10.03
N VAL B 318 -9.17 10.30 11.27
CA VAL B 318 -10.03 10.23 12.44
C VAL B 318 -11.07 11.33 12.40
N ASP B 319 -12.31 10.93 12.13
CA ASP B 319 -13.43 11.84 11.90
C ASP B 319 -14.17 11.43 10.63
N ALA B 320 -15.15 10.53 10.77
CA ALA B 320 -15.81 9.86 9.64
C ALA B 320 -14.90 8.79 9.05
N ASP B 321 -15.43 7.58 8.91
CA ASP B 321 -16.86 7.34 9.09
C ASP B 321 -17.24 6.69 10.41
N GLU B 322 -17.79 5.48 10.34
CA GLU B 322 -18.35 4.85 11.53
C GLU B 322 -19.15 3.58 11.24
N TYR B 323 -18.69 2.46 11.80
CA TYR B 323 -19.31 1.16 11.53
C TYR B 323 -19.60 0.40 12.80
N LEU B 324 -18.57 -0.18 13.40
CA LEU B 324 -18.79 -1.09 14.50
C LEU B 324 -18.95 -0.38 15.84
N ILE B 325 -20.18 -0.35 16.35
CA ILE B 325 -20.44 0.26 17.64
C ILE B 325 -20.35 -0.72 18.78
N PRO B 326 -19.67 -0.31 19.83
CA PRO B 326 -19.32 -1.25 20.91
C PRO B 326 -20.47 -1.31 21.90
N GLN B 327 -21.37 -2.26 21.72
CA GLN B 327 -22.60 -2.21 22.53
C GLN B 327 -22.33 -2.63 23.99
N PRO C 23 -42.69 7.35 -14.99
CA PRO C 23 -41.24 7.09 -15.19
C PRO C 23 -40.31 8.07 -14.44
N LYS C 24 -40.89 9.04 -13.75
CA LYS C 24 -40.13 9.94 -12.87
C LYS C 24 -40.95 10.47 -11.68
N SER C 25 -41.02 9.69 -10.61
CA SER C 25 -41.68 10.10 -9.37
C SER C 25 -40.65 10.35 -8.28
N LEU C 26 -39.51 10.94 -8.67
CA LEU C 26 -38.43 11.23 -7.75
C LEU C 26 -38.95 12.00 -6.54
N PRO C 27 -38.05 12.44 -5.66
CA PRO C 27 -38.49 13.26 -4.52
C PRO C 27 -38.85 14.72 -4.85
N SER C 28 -39.05 15.49 -3.78
CA SER C 28 -38.87 16.93 -3.84
C SER C 28 -37.97 17.28 -2.68
N TYR C 29 -36.72 17.58 -2.99
CA TYR C 29 -35.77 18.00 -1.97
C TYR C 29 -35.20 19.34 -2.39
N LEU C 30 -35.03 20.25 -1.43
CA LEU C 30 -34.68 21.63 -1.77
C LEU C 30 -33.21 21.84 -2.06
N ASN C 31 -32.91 21.99 -3.35
CA ASN C 31 -31.53 22.05 -3.82
C ASN C 31 -30.83 20.77 -3.37
N GLY C 32 -31.62 19.71 -3.23
CA GLY C 32 -31.06 18.38 -3.10
C GLY C 32 -31.17 17.73 -1.72
N VAL C 33 -30.77 18.46 -0.68
CA VAL C 33 -30.49 17.82 0.60
C VAL C 33 -31.50 16.77 1.04
N MET C 34 -31.03 15.88 1.89
CA MET C 34 -31.78 14.73 2.35
C MET C 34 -31.87 14.81 3.87
N PRO C 35 -33.05 14.53 4.43
CA PRO C 35 -33.28 14.50 5.87
C PRO C 35 -32.54 13.32 6.49
N PRO C 36 -32.07 13.46 7.74
CA PRO C 36 -31.37 12.34 8.39
C PRO C 36 -32.23 11.08 8.38
N THR C 37 -33.51 11.24 8.72
CA THR C 37 -34.47 10.15 8.63
C THR C 37 -35.84 10.63 8.18
N GLN C 38 -36.59 9.75 7.54
CA GLN C 38 -37.95 10.03 7.12
C GLN C 38 -38.92 9.10 7.83
N SER C 39 -40.04 9.63 8.34
CA SER C 39 -40.98 8.80 9.12
C SER C 39 -41.99 8.03 8.28
N PHE C 40 -42.52 6.98 8.86
CA PHE C 40 -43.54 6.17 8.23
C PHE C 40 -44.62 5.92 9.28
N ALA C 41 -44.53 6.65 10.38
CA ALA C 41 -45.54 6.59 11.43
C ALA C 41 -46.85 7.13 10.84
N PRO C 42 -48.00 6.61 11.28
CA PRO C 42 -48.19 5.63 12.35
C PRO C 42 -48.30 4.25 11.75
N ASP C 43 -47.53 3.96 10.70
CA ASP C 43 -47.76 2.72 10.01
C ASP C 43 -47.46 1.60 10.99
N PRO C 44 -48.50 0.88 11.43
CA PRO C 44 -48.25 -0.10 12.48
C PRO C 44 -47.20 -1.12 12.02
N LYS C 45 -47.00 -1.17 10.71
CA LYS C 45 -46.08 -2.10 10.15
C LYS C 45 -44.65 -1.58 10.34
N TYR C 46 -44.53 -0.33 10.78
CA TYR C 46 -43.21 0.30 10.98
C TYR C 46 -43.02 0.88 12.37
N VAL C 47 -44.04 1.58 12.86
CA VAL C 47 -44.01 1.98 14.25
C VAL C 47 -44.15 0.69 15.02
N SER C 48 -43.45 0.61 16.14
CA SER C 48 -43.34 -0.62 16.90
C SER C 48 -44.09 -0.48 18.21
N SER C 49 -45.06 -1.36 18.46
CA SER C 49 -45.84 -1.29 19.70
C SER C 49 -44.89 -1.38 20.91
N LYS C 50 -44.53 -0.22 21.43
CA LYS C 50 -43.36 -0.12 22.32
C LYS C 50 -43.32 -1.26 23.33
N ALA C 51 -44.37 -1.47 24.13
CA ALA C 51 -45.55 -0.59 24.26
C ALA C 51 -45.65 -0.06 25.70
N LEU C 52 -45.45 1.26 25.86
CA LEU C 52 -45.21 1.85 27.16
C LEU C 52 -45.14 3.39 27.14
N SER D 25 40.13 -15.99 2.06
CA SER D 25 38.92 -15.10 2.03
C SER D 25 38.97 -14.10 3.15
N LEU D 26 38.10 -14.28 4.15
CA LEU D 26 37.93 -13.32 5.26
C LEU D 26 39.25 -12.66 5.66
N PRO D 27 39.19 -11.43 6.22
CA PRO D 27 40.46 -10.76 6.50
C PRO D 27 41.18 -11.40 7.68
N SER D 28 42.13 -10.65 8.23
CA SER D 28 42.69 -10.97 9.51
C SER D 28 43.06 -9.66 10.14
N TYR D 29 42.13 -9.08 10.88
CA TYR D 29 42.39 -7.83 11.57
C TYR D 29 42.62 -8.11 13.06
N LEU D 30 43.66 -7.50 13.61
CA LEU D 30 43.89 -7.66 15.04
C LEU D 30 42.70 -7.07 15.79
N ASN D 31 42.08 -7.87 16.65
CA ASN D 31 40.95 -7.41 17.47
C ASN D 31 39.74 -7.08 16.61
N GLY D 32 39.68 -7.68 15.42
CA GLY D 32 38.52 -7.52 14.56
C GLY D 32 38.34 -6.10 14.02
N VAL D 33 39.30 -5.22 14.33
CA VAL D 33 39.21 -3.80 13.96
C VAL D 33 39.53 -3.62 12.49
N MET D 34 39.50 -2.37 12.02
CA MET D 34 39.77 -2.09 10.63
C MET D 34 40.79 -0.95 10.50
N PRO D 35 41.56 -0.94 9.42
CA PRO D 35 42.46 0.17 9.14
C PRO D 35 41.71 1.37 8.53
N PRO D 36 42.27 2.58 8.66
CA PRO D 36 41.62 3.70 7.99
C PRO D 36 41.47 3.40 6.50
N THR D 37 42.57 2.98 5.88
CA THR D 37 42.56 2.53 4.50
C THR D 37 43.53 1.37 4.27
N GLN D 38 44.05 1.25 3.06
CA GLN D 38 44.64 0.00 2.60
C GLN D 38 45.23 0.16 1.21
N SER D 39 46.52 0.47 1.12
CA SER D 39 47.16 0.68 -0.18
C SER D 39 46.97 -0.49 -1.13
N PHE D 40 46.83 -0.18 -2.40
CA PHE D 40 46.87 -1.18 -3.45
C PHE D 40 48.03 -0.81 -4.37
N ALA D 41 48.91 0.04 -3.84
CA ALA D 41 50.16 0.31 -4.50
C ALA D 41 50.98 -0.98 -4.59
N PRO D 42 51.81 -1.09 -5.63
CA PRO D 42 52.00 -0.09 -6.68
C PRO D 42 51.18 -0.41 -7.92
N ASP D 43 50.00 -0.97 -7.75
CA ASP D 43 49.18 -1.27 -8.92
C ASP D 43 49.04 0.07 -9.61
N PRO D 44 49.71 0.21 -10.78
CA PRO D 44 49.65 1.46 -11.53
C PRO D 44 48.19 1.66 -11.91
N LYS D 45 47.43 0.59 -11.68
CA LYS D 45 46.01 0.55 -11.97
C LYS D 45 45.21 1.26 -10.88
N TYR D 46 45.83 1.49 -9.73
CA TYR D 46 45.22 2.26 -8.63
C TYR D 46 46.18 3.31 -8.11
N VAL D 47 47.26 3.56 -8.83
CA VAL D 47 48.13 4.66 -8.46
C VAL D 47 48.09 5.74 -9.52
N SER D 48 48.29 6.98 -9.08
CA SER D 48 48.00 8.15 -9.89
C SER D 48 49.26 8.71 -10.51
N SER D 49 49.39 8.56 -11.82
CA SER D 49 50.56 9.10 -12.52
C SER D 49 50.92 10.50 -12.02
N LYS D 50 52.05 10.60 -11.33
CA LYS D 50 52.63 11.89 -10.99
C LYS D 50 53.94 11.71 -10.24
#